data_8JV8
#
_entry.id   8JV8
#
_cell.length_a   1.00
_cell.length_b   1.00
_cell.length_c   1.00
_cell.angle_alpha   90.00
_cell.angle_beta   90.00
_cell.angle_gamma   90.00
#
_symmetry.space_group_name_H-M   'P 1'
#
loop_
_entity.id
_entity.type
_entity.pdbx_description
1 polymer 'P2X purinoceptor'
2 non-polymer 2-acetamido-2-deoxy-beta-D-glucopyranose
3 non-polymer '3-[(E)-{4-formyl-5-hydroxy-6-methyl-3-[(phosphonooxy)methyl]pyridin-2-yl}diazenyl]-7-nitronaphthalene-1,5-disulfonic acid'
4 water water
#
_entity_poly.entity_id   1
_entity_poly.type   'polypeptide(L)'
_entity_poly.pdbx_seq_one_letter_code
;GSSTNYGTIKWIFHALVFSYISFALISDKRYQKKEPLISSVHTKVKGIAEVKAEILENGMKKMVSGVFDTADYTFPLQGN
SFFVMTNFIKTEGQQQGLCPDFPTARTICSSDRGCKKGRMDPQSKGIQTGRCVVYKERLKTCEVSAWCPIEEVKDAPRPA
LLNSAENFTVLIKNNIDFPGHNYTTRNILPGVNITCTFHKTQNPQCPIFRLGDIFQETGDSFSDVAIQGGIMGIEIYWDC
NLDGWFHHCRPKYSFRRLDDKTTSESLYPGYNFRYAKYYKENNVEKRTLIKVFGIRFDILVFGTGGKFNVIQLAVYIGSV
ISYFGLATVFIDILINTYSASS
;
_entity_poly.pdbx_strand_id   A,B,C
#
loop_
_chem_comp.id
_chem_comp.type
_chem_comp.name
_chem_comp.formula
20V non-polymer '3-[(E)-{4-formyl-5-hydroxy-6-methyl-3-[(phosphonooxy)methyl]pyridin-2-yl}diazenyl]-7-nitronaphthalene-1,5-disulfonic acid' 'C18 H15 N4 O14 P S2'
NAG D-saccharide, beta linking 2-acetamido-2-deoxy-beta-D-glucopyranose 'C8 H15 N O6'
#
# COMPACT_ATOMS: atom_id res chain seq x y z
N TRP A 11 -27.00 -36.80 -40.73
CA TRP A 11 -25.90 -37.38 -39.95
C TRP A 11 -24.73 -36.40 -39.87
N ILE A 12 -24.80 -35.32 -40.65
CA ILE A 12 -23.75 -34.31 -40.63
C ILE A 12 -23.69 -33.63 -39.27
N PHE A 13 -24.86 -33.32 -38.69
CA PHE A 13 -24.89 -32.71 -37.37
C PHE A 13 -24.27 -33.61 -36.31
N HIS A 14 -24.33 -34.92 -36.52
CA HIS A 14 -23.78 -35.86 -35.55
C HIS A 14 -22.28 -35.65 -35.37
N ALA A 15 -21.58 -35.30 -36.44
CA ALA A 15 -20.15 -34.97 -36.34
C ALA A 15 -19.92 -33.49 -36.10
N LEU A 16 -20.83 -32.63 -36.54
CA LEU A 16 -20.68 -31.20 -36.29
C LEU A 16 -20.71 -30.89 -34.80
N VAL A 17 -21.60 -31.55 -34.06
CA VAL A 17 -21.66 -31.32 -32.62
C VAL A 17 -20.35 -31.75 -31.96
N PHE A 18 -19.82 -32.92 -32.34
CA PHE A 18 -18.55 -33.38 -31.80
C PHE A 18 -17.45 -32.37 -32.09
N SER A 19 -17.40 -31.86 -33.32
CA SER A 19 -16.40 -30.87 -33.68
C SER A 19 -16.52 -29.63 -32.82
N TYR A 20 -17.74 -29.17 -32.58
CA TYR A 20 -17.93 -27.97 -31.76
C TYR A 20 -17.50 -28.21 -30.31
N ILE A 21 -17.84 -29.36 -29.73
CA ILE A 21 -17.42 -29.64 -28.36
C ILE A 21 -15.91 -29.72 -28.27
N SER A 22 -15.26 -30.39 -29.23
CA SER A 22 -13.80 -30.47 -29.21
C SER A 22 -13.18 -29.08 -29.33
N PHE A 23 -13.74 -28.24 -30.20
CA PHE A 23 -13.23 -26.89 -30.37
C PHE A 23 -13.35 -26.10 -29.07
N ALA A 24 -14.50 -26.18 -28.41
CA ALA A 24 -14.69 -25.45 -27.16
C ALA A 24 -13.73 -25.96 -26.08
N LEU A 25 -13.58 -27.28 -25.97
CA LEU A 25 -12.72 -27.84 -24.94
C LEU A 25 -11.27 -27.45 -25.16
N ILE A 26 -10.81 -27.47 -26.41
CA ILE A 26 -9.42 -27.12 -26.68
C ILE A 26 -9.19 -25.62 -26.48
N SER A 27 -10.14 -24.79 -26.93
CA SER A 27 -9.92 -23.35 -26.90
C SER A 27 -10.09 -22.79 -25.48
N ASP A 28 -11.27 -22.94 -24.89
CA ASP A 28 -11.51 -22.32 -23.59
C ASP A 28 -10.76 -23.00 -22.46
N LYS A 29 -10.20 -24.19 -22.70
CA LYS A 29 -9.51 -24.98 -21.68
C LYS A 29 -10.44 -25.27 -20.49
N ARG A 30 -11.57 -25.88 -20.80
CA ARG A 30 -12.53 -26.23 -19.75
C ARG A 30 -11.98 -27.32 -18.84
N TYR A 31 -11.11 -28.19 -19.35
CA TYR A 31 -10.54 -29.26 -18.55
C TYR A 31 -9.45 -28.77 -17.60
N GLN A 32 -9.34 -27.45 -17.40
CA GLN A 32 -8.38 -26.85 -16.51
C GLN A 32 -9.11 -26.14 -15.38
N LYS A 33 -8.72 -26.42 -14.14
CA LYS A 33 -9.28 -25.73 -12.98
C LYS A 33 -8.47 -24.48 -12.72
N LYS A 34 -9.10 -23.32 -12.88
CA LYS A 34 -8.39 -22.05 -12.76
C LYS A 34 -8.25 -21.64 -11.29
N GLU A 35 -7.16 -20.93 -11.01
CA GLU A 35 -6.87 -20.42 -9.67
C GLU A 35 -6.49 -18.95 -9.74
N PRO A 36 -6.87 -18.17 -8.74
CA PRO A 36 -6.37 -16.79 -8.60
C PRO A 36 -4.88 -16.62 -8.47
N LEU A 37 -4.47 -15.36 -8.32
CA LEU A 37 -3.08 -14.98 -8.30
C LEU A 37 -2.73 -14.28 -6.99
N ILE A 38 -1.57 -14.62 -6.43
CA ILE A 38 -1.03 -13.91 -5.26
C ILE A 38 0.34 -13.39 -5.63
N SER A 39 0.54 -12.08 -5.54
CA SER A 39 1.73 -11.45 -6.12
C SER A 39 2.44 -10.58 -5.11
N SER A 40 3.75 -10.40 -5.34
CA SER A 40 4.57 -9.46 -4.60
C SER A 40 5.44 -8.71 -5.60
N VAL A 41 5.52 -7.39 -5.46
CA VAL A 41 6.18 -6.53 -6.43
C VAL A 41 7.40 -5.89 -5.79
N HIS A 42 8.54 -5.99 -6.47
CA HIS A 42 9.76 -5.30 -6.09
C HIS A 42 10.10 -4.32 -7.21
N THR A 43 10.41 -3.08 -6.85
CA THR A 43 10.60 -2.05 -7.86
C THR A 43 11.82 -1.20 -7.54
N LYS A 44 12.60 -0.88 -8.56
CA LYS A 44 13.73 0.03 -8.42
C LYS A 44 13.64 1.09 -9.50
N VAL A 45 13.74 2.35 -9.10
CA VAL A 45 13.78 3.48 -10.03
C VAL A 45 15.17 4.08 -9.94
N LYS A 46 15.81 4.24 -11.09
CA LYS A 46 17.19 4.70 -11.10
C LYS A 46 17.31 5.95 -11.96
N GLY A 47 18.50 6.51 -11.98
CA GLY A 47 18.77 7.69 -12.77
C GLY A 47 18.68 8.96 -11.95
N ILE A 48 19.23 10.03 -12.51
CA ILE A 48 19.30 11.32 -11.85
C ILE A 48 18.74 12.38 -12.78
N ALA A 49 18.44 13.55 -12.21
CA ALA A 49 17.94 14.67 -12.98
C ALA A 49 18.64 15.95 -12.53
N GLU A 50 18.73 16.90 -13.45
CA GLU A 50 19.34 18.20 -13.17
C GLU A 50 18.33 19.30 -13.46
N VAL A 51 18.27 20.29 -12.57
CA VAL A 51 17.31 21.38 -12.67
C VAL A 51 18.09 22.68 -12.80
N LYS A 52 17.71 23.50 -13.78
CA LYS A 52 18.31 24.82 -13.95
C LYS A 52 17.27 25.69 -14.67
N ALA A 53 16.58 26.53 -13.91
CA ALA A 53 15.50 27.33 -14.47
C ALA A 53 15.30 28.57 -13.59
N GLU A 54 14.31 29.37 -13.96
CA GLU A 54 13.96 30.58 -13.24
C GLU A 54 12.49 30.53 -12.83
N ILE A 55 12.19 31.06 -11.65
CA ILE A 55 10.84 31.05 -11.10
C ILE A 55 10.49 32.45 -10.63
N LEU A 56 9.19 32.73 -10.55
CA LEU A 56 8.66 34.00 -10.08
C LEU A 56 7.87 33.72 -8.81
N GLU A 57 8.53 33.91 -7.65
CA GLU A 57 7.91 33.66 -6.36
C GLU A 57 7.62 35.00 -5.69
N ASN A 58 6.35 35.22 -5.33
CA ASN A 58 5.91 36.46 -4.68
C ASN A 58 6.28 37.68 -5.52
N GLY A 59 6.21 37.53 -6.84
CA GLY A 59 6.55 38.62 -7.74
C GLY A 59 8.03 38.89 -7.90
N MET A 60 8.89 38.02 -7.36
CA MET A 60 10.34 38.20 -7.42
C MET A 60 10.97 37.05 -8.19
N LYS A 61 11.91 37.39 -9.06
CA LYS A 61 12.60 36.38 -9.86
C LYS A 61 13.69 35.70 -9.05
N LYS A 62 13.78 34.38 -9.19
CA LYS A 62 14.79 33.58 -8.52
C LYS A 62 15.27 32.49 -9.46
N MET A 63 16.48 32.01 -9.21
CA MET A 63 17.11 30.96 -10.02
C MET A 63 17.15 29.67 -9.22
N VAL A 64 16.59 28.60 -9.78
CA VAL A 64 16.59 27.29 -9.16
C VAL A 64 17.56 26.43 -9.95
N SER A 65 18.66 26.04 -9.30
CA SER A 65 19.68 25.20 -9.93
C SER A 65 20.11 24.14 -8.93
N GLY A 66 20.25 22.91 -9.43
CA GLY A 66 20.65 21.82 -8.56
C GLY A 66 20.50 20.48 -9.26
N VAL A 67 20.65 19.42 -8.48
CA VAL A 67 20.58 18.05 -8.97
C VAL A 67 19.75 17.23 -8.00
N PHE A 68 18.87 16.39 -8.54
CA PHE A 68 18.03 15.51 -7.75
C PHE A 68 18.38 14.06 -8.09
N ASP A 69 18.67 13.28 -7.05
CA ASP A 69 19.00 11.87 -7.15
C ASP A 69 17.92 11.04 -6.48
N THR A 70 18.18 9.73 -6.38
CA THR A 70 17.16 8.77 -5.97
C THR A 70 16.63 9.04 -4.57
N ALA A 71 17.35 9.82 -3.76
CA ALA A 71 16.85 10.19 -2.45
C ALA A 71 15.91 11.40 -2.48
N ASP A 72 15.78 12.05 -3.63
CA ASP A 72 15.02 13.29 -3.73
C ASP A 72 13.71 13.14 -4.49
N TYR A 73 13.73 12.49 -5.65
CA TYR A 73 12.57 12.51 -6.54
C TYR A 73 11.60 11.35 -6.31
N THR A 74 11.57 10.78 -5.12
CA THR A 74 10.65 9.68 -4.86
C THR A 74 10.44 9.56 -3.35
N PHE A 75 9.77 8.48 -2.96
CA PHE A 75 9.45 8.15 -1.58
C PHE A 75 9.52 6.67 -1.41
N PRO A 76 9.63 6.13 -0.21
CA PRO A 76 9.69 4.69 0.00
C PRO A 76 8.48 3.99 -0.59
N LEU A 77 8.71 2.80 -1.14
CA LEU A 77 7.69 2.10 -1.91
C LEU A 77 6.42 1.88 -1.10
N GLN A 78 5.28 2.15 -1.72
CA GLN A 78 3.97 2.01 -1.08
C GLN A 78 3.26 0.82 -1.71
N GLY A 79 3.54 -0.37 -1.19
CA GLY A 79 2.93 -1.57 -1.73
C GLY A 79 3.34 -1.79 -3.17
N ASN A 80 2.34 -2.05 -4.03
CA ASN A 80 2.59 -2.34 -5.44
C ASN A 80 2.43 -1.06 -6.25
N SER A 81 3.36 -0.14 -6.03
CA SER A 81 3.34 1.17 -6.68
C SER A 81 4.66 1.87 -6.41
N PHE A 82 4.90 2.95 -7.17
CA PHE A 82 6.03 3.82 -6.91
C PHE A 82 5.75 5.19 -7.50
N PHE A 83 6.39 6.20 -6.92
CA PHE A 83 6.10 7.60 -7.23
C PHE A 83 7.37 8.28 -7.71
N VAL A 84 7.20 9.24 -8.62
CA VAL A 84 8.32 9.98 -9.21
C VAL A 84 8.01 11.46 -9.17
N MET A 85 8.95 12.25 -8.65
CA MET A 85 8.83 13.71 -8.67
C MET A 85 8.67 14.21 -10.10
N THR A 86 7.81 15.18 -10.29
CA THR A 86 7.75 15.79 -11.61
C THR A 86 7.84 17.31 -11.57
N ASN A 87 7.22 17.95 -10.57
CA ASN A 87 7.21 19.40 -10.47
C ASN A 87 6.90 19.78 -9.03
N PHE A 88 7.34 20.97 -8.63
CA PHE A 88 7.10 21.37 -7.25
C PHE A 88 7.09 22.89 -7.14
N ILE A 89 6.34 23.36 -6.14
CA ILE A 89 6.30 24.76 -5.74
C ILE A 89 6.73 24.83 -4.29
N LYS A 90 7.80 25.56 -4.02
CA LYS A 90 8.41 25.61 -2.70
C LYS A 90 8.04 26.89 -1.97
N THR A 91 7.75 26.76 -0.68
CA THR A 91 7.50 27.90 0.20
C THR A 91 8.21 27.66 1.51
N GLU A 92 9.15 28.54 1.84
CA GLU A 92 10.03 28.36 2.99
C GLU A 92 9.65 29.30 4.13
N GLY A 93 10.01 28.89 5.35
CA GLY A 93 9.85 29.72 6.52
C GLY A 93 8.43 30.11 6.83
N GLN A 94 7.60 29.14 7.22
CA GLN A 94 6.20 29.37 7.55
C GLN A 94 6.00 29.14 9.04
N GLN A 95 5.70 30.20 9.78
CA GLN A 95 5.48 30.11 11.21
C GLN A 95 4.01 30.34 11.52
N GLN A 96 3.53 29.70 12.59
CA GLN A 96 2.13 29.85 12.97
C GLN A 96 1.85 31.28 13.42
N GLY A 97 0.81 31.89 12.86
CA GLY A 97 0.46 33.24 13.24
C GLY A 97 -0.70 33.74 12.40
N LEU A 98 -1.13 34.96 12.71
CA LEU A 98 -2.23 35.59 11.99
C LEU A 98 -1.66 36.47 10.90
N CYS A 99 -2.07 36.23 9.66
CA CYS A 99 -1.54 36.96 8.53
C CYS A 99 -2.56 36.96 7.39
N PRO A 100 -2.58 38.00 6.56
CA PRO A 100 -3.49 37.99 5.40
C PRO A 100 -3.13 36.86 4.45
N ASP A 101 -4.16 36.33 3.80
CA ASP A 101 -3.99 35.19 2.90
C ASP A 101 -3.80 35.68 1.46
N PHE A 102 -3.82 34.74 0.52
CA PHE A 102 -3.68 35.08 -0.89
C PHE A 102 -4.94 35.77 -1.41
N PRO A 103 -4.81 36.91 -2.07
CA PRO A 103 -6.00 37.65 -2.53
C PRO A 103 -6.64 36.99 -3.74
N THR A 104 -7.78 36.34 -3.53
CA THR A 104 -8.58 35.76 -4.61
C THR A 104 -9.95 36.45 -4.63
N ALA A 105 -10.85 35.93 -5.47
CA ALA A 105 -12.18 36.52 -5.58
C ALA A 105 -12.96 36.36 -4.28
N ARG A 106 -12.82 35.22 -3.61
CA ARG A 106 -13.57 34.95 -2.39
C ARG A 106 -12.90 35.50 -1.15
N THR A 107 -11.69 36.04 -1.26
CA THR A 107 -10.97 36.54 -0.09
C THR A 107 -10.84 38.05 -0.05
N ILE A 108 -11.05 38.75 -1.17
CA ILE A 108 -10.93 40.20 -1.18
C ILE A 108 -12.09 40.82 -0.40
N CYS A 109 -11.77 41.78 0.46
CA CYS A 109 -12.77 42.50 1.22
C CYS A 109 -12.46 43.99 1.19
N SER A 110 -13.51 44.79 1.40
CA SER A 110 -13.38 46.23 1.54
C SER A 110 -13.69 46.72 2.94
N SER A 111 -14.38 45.91 3.75
CA SER A 111 -14.67 46.25 5.13
C SER A 111 -14.55 44.99 5.98
N ASP A 112 -14.38 45.20 7.29
CA ASP A 112 -14.27 44.07 8.20
C ASP A 112 -15.54 43.22 8.20
N ARG A 113 -16.69 43.82 7.87
CA ARG A 113 -17.93 43.09 7.79
C ARG A 113 -18.00 42.16 6.57
N GLY A 114 -17.05 42.29 5.64
CA GLY A 114 -17.07 41.43 4.47
C GLY A 114 -16.89 39.96 4.81
N CYS A 115 -15.98 39.66 5.74
CA CYS A 115 -15.71 38.30 6.17
C CYS A 115 -16.02 38.18 7.66
N LYS A 116 -16.63 37.06 8.04
CA LYS A 116 -17.01 36.80 9.43
C LYS A 116 -15.97 35.91 10.09
N LYS A 117 -15.66 36.22 11.35
CA LYS A 117 -14.69 35.43 12.09
C LYS A 117 -15.19 34.01 12.29
N GLY A 118 -14.30 33.05 12.17
CA GLY A 118 -14.64 31.65 12.31
C GLY A 118 -15.20 31.00 11.07
N ARG A 119 -15.31 31.74 9.96
CA ARG A 119 -15.81 31.17 8.72
C ARG A 119 -14.69 30.43 8.00
N MET A 120 -14.93 29.17 7.66
CA MET A 120 -13.95 28.31 7.01
C MET A 120 -14.42 28.04 5.58
N ASP A 121 -14.09 28.95 4.68
CA ASP A 121 -14.35 28.71 3.27
C ASP A 121 -13.49 27.55 2.79
N PRO A 122 -14.06 26.56 2.10
CA PRO A 122 -13.29 25.36 1.72
C PRO A 122 -12.35 25.63 0.54
N GLN A 123 -11.69 26.79 0.58
CA GLN A 123 -10.60 27.13 -0.32
C GLN A 123 -9.75 28.14 0.42
N SER A 124 -8.85 27.66 1.28
CA SER A 124 -8.07 28.51 2.16
C SER A 124 -7.23 27.60 3.06
N LYS A 125 -6.26 28.19 3.73
CA LYS A 125 -5.53 27.52 4.80
C LYS A 125 -5.53 28.46 6.00
N GLY A 126 -6.28 28.10 7.03
CA GLY A 126 -6.39 28.91 8.23
C GLY A 126 -7.80 29.44 8.44
N ILE A 127 -8.00 29.98 9.63
CA ILE A 127 -9.29 30.53 10.05
C ILE A 127 -9.15 32.02 10.20
N GLN A 128 -10.03 32.77 9.51
CA GLN A 128 -9.97 34.22 9.55
C GLN A 128 -10.44 34.75 10.90
N THR A 129 -9.99 35.96 11.22
CA THR A 129 -10.38 36.65 12.44
C THR A 129 -11.32 37.82 12.18
N GLY A 130 -11.48 38.25 10.94
CA GLY A 130 -12.37 39.35 10.62
C GLY A 130 -11.74 40.71 10.78
N ARG A 131 -10.55 40.91 10.19
CA ARG A 131 -9.85 42.19 10.22
C ARG A 131 -9.26 42.42 8.83
N CYS A 132 -10.02 43.10 7.97
CA CYS A 132 -9.61 43.33 6.59
C CYS A 132 -8.50 44.38 6.56
N VAL A 133 -7.25 43.92 6.53
CA VAL A 133 -6.10 44.80 6.50
C VAL A 133 -5.43 44.70 5.14
N VAL A 134 -4.54 45.65 4.86
CA VAL A 134 -3.83 45.66 3.59
C VAL A 134 -2.78 44.55 3.59
N TYR A 135 -2.60 43.93 2.42
CA TYR A 135 -1.61 42.87 2.24
C TYR A 135 -0.49 43.29 1.31
N LYS A 136 -0.81 43.78 0.12
CA LYS A 136 0.18 44.24 -0.85
C LYS A 136 -0.52 45.05 -1.92
N GLU A 137 0.10 46.18 -2.29
CA GLU A 137 -0.43 47.07 -3.33
C GLU A 137 -1.86 47.52 -2.99
N ARG A 138 -2.09 47.85 -1.73
CA ARG A 138 -3.38 48.35 -1.25
C ARG A 138 -4.51 47.36 -1.56
N LEU A 139 -4.23 46.07 -1.37
CA LEU A 139 -5.23 45.02 -1.51
C LEU A 139 -5.67 44.59 -0.12
N LYS A 140 -6.95 44.80 0.19
CA LYS A 140 -7.47 44.57 1.52
C LYS A 140 -8.04 43.16 1.64
N THR A 141 -7.42 42.35 2.49
CA THR A 141 -7.90 41.01 2.81
C THR A 141 -7.84 40.84 4.33
N CYS A 142 -8.70 39.98 4.86
CA CYS A 142 -8.74 39.79 6.31
C CYS A 142 -7.90 38.59 6.71
N GLU A 143 -7.04 38.80 7.70
CA GLU A 143 -6.02 37.83 8.07
C GLU A 143 -6.64 36.56 8.65
N VAL A 144 -5.98 35.44 8.38
CA VAL A 144 -6.35 34.15 8.94
C VAL A 144 -5.21 33.67 9.82
N SER A 145 -5.53 32.75 10.72
CA SER A 145 -4.55 32.14 11.60
C SER A 145 -4.03 30.86 10.96
N ALA A 146 -2.81 30.91 10.44
CA ALA A 146 -2.24 29.78 9.72
C ALA A 146 -0.73 29.95 9.66
N TRP A 147 -0.08 29.15 8.83
CA TRP A 147 1.34 29.31 8.57
C TRP A 147 1.55 30.53 7.68
N CYS A 148 2.49 31.39 8.08
CA CYS A 148 2.82 32.58 7.33
C CYS A 148 4.25 32.49 6.82
N PRO A 149 4.52 32.97 5.59
CA PRO A 149 3.57 33.58 4.65
C PRO A 149 2.65 32.55 4.01
N ILE A 150 1.41 32.93 3.71
CA ILE A 150 0.46 31.99 3.13
C ILE A 150 0.91 31.59 1.74
N GLU A 151 0.84 30.29 1.45
CA GLU A 151 1.26 29.77 0.15
C GLU A 151 0.49 30.42 -0.98
N GLU A 152 1.17 31.19 -1.81
CA GLU A 152 0.51 31.85 -2.93
C GLU A 152 0.02 30.81 -3.93
N VAL A 153 -1.24 30.94 -4.32
CA VAL A 153 -1.85 30.00 -5.27
C VAL A 153 -1.40 30.38 -6.67
N LYS A 154 -0.55 29.54 -7.25
CA LYS A 154 -0.03 29.78 -8.59
C LYS A 154 0.06 28.47 -9.35
N ASP A 155 0.01 28.56 -10.67
CA ASP A 155 0.13 27.38 -11.52
C ASP A 155 1.58 26.92 -11.56
N ALA A 156 1.76 25.64 -11.88
CA ALA A 156 3.10 25.09 -12.04
C ALA A 156 3.79 25.73 -13.24
N PRO A 157 5.12 25.83 -13.21
CA PRO A 157 5.84 26.45 -14.33
C PRO A 157 5.58 25.72 -15.64
N ARG A 158 5.48 26.51 -16.72
CA ARG A 158 5.20 25.93 -18.03
C ARG A 158 6.27 24.95 -18.49
N PRO A 159 7.57 25.23 -18.40
CA PRO A 159 8.54 24.16 -18.63
C PRO A 159 8.68 23.32 -17.36
N ALA A 160 8.31 22.04 -17.44
CA ALA A 160 8.39 21.18 -16.28
C ALA A 160 9.81 21.12 -15.75
N LEU A 161 9.96 21.28 -14.43
CA LEU A 161 11.29 21.36 -13.83
C LEU A 161 12.07 20.08 -14.10
N LEU A 162 11.45 18.94 -13.86
CA LEU A 162 12.09 17.64 -14.13
C LEU A 162 11.61 17.09 -15.47
N ASN A 163 11.85 17.85 -16.53
CA ASN A 163 11.58 17.36 -17.87
C ASN A 163 12.47 16.18 -18.24
N SER A 164 13.62 16.06 -17.58
CA SER A 164 14.53 14.93 -17.82
C SER A 164 14.05 13.64 -17.15
N ALA A 165 13.00 13.71 -16.34
CA ALA A 165 12.52 12.52 -15.63
C ALA A 165 12.07 11.42 -16.59
N GLU A 166 11.72 11.77 -17.83
CA GLU A 166 11.35 10.75 -18.80
C GLU A 166 12.52 9.85 -19.18
N ASN A 167 13.74 10.23 -18.85
CA ASN A 167 14.91 9.43 -19.16
C ASN A 167 15.23 8.41 -18.07
N PHE A 168 14.38 8.31 -17.04
CA PHE A 168 14.61 7.37 -15.95
C PHE A 168 14.28 5.95 -16.38
N THR A 169 14.86 4.99 -15.65
CA THR A 169 14.62 3.58 -15.87
C THR A 169 14.03 2.97 -14.60
N VAL A 170 13.20 1.94 -14.78
CA VAL A 170 12.57 1.23 -13.67
C VAL A 170 12.69 -0.27 -13.92
N LEU A 171 13.18 -0.99 -12.92
CA LEU A 171 13.30 -2.44 -12.96
C LEU A 171 12.24 -3.04 -12.04
N ILE A 172 11.48 -4.00 -12.57
CA ILE A 172 10.34 -4.58 -11.87
C ILE A 172 10.57 -6.08 -11.74
N LYS A 173 10.45 -6.58 -10.51
CA LYS A 173 10.54 -8.01 -10.22
C LYS A 173 9.20 -8.44 -9.63
N ASN A 174 8.49 -9.30 -10.36
CA ASN A 174 7.20 -9.81 -9.93
C ASN A 174 7.34 -11.27 -9.54
N ASN A 175 6.80 -11.63 -8.37
CA ASN A 175 6.81 -13.00 -7.89
C ASN A 175 5.38 -13.41 -7.59
N ILE A 176 4.79 -14.22 -8.46
CA ILE A 176 3.41 -14.62 -8.32
C ILE A 176 3.34 -16.02 -7.75
N ASP A 177 2.19 -16.34 -7.18
CA ASP A 177 1.92 -17.61 -6.54
C ASP A 177 0.57 -18.13 -7.03
N PHE A 178 0.43 -19.46 -6.99
CA PHE A 178 -0.83 -20.15 -7.24
C PHE A 178 -1.07 -21.07 -6.05
N PRO A 179 -1.63 -20.55 -4.96
CA PRO A 179 -1.72 -21.35 -3.72
C PRO A 179 -2.47 -22.66 -3.88
N GLY A 180 -3.43 -22.73 -4.81
CA GLY A 180 -4.13 -23.99 -5.04
C GLY A 180 -3.19 -25.10 -5.44
N HIS A 181 -2.25 -24.81 -6.33
CA HIS A 181 -1.22 -25.74 -6.72
C HIS A 181 0.05 -25.46 -5.91
N ASN A 182 1.11 -26.19 -6.21
CA ASN A 182 2.42 -25.90 -5.65
C ASN A 182 3.26 -25.17 -6.69
N TYR A 183 2.93 -23.89 -6.90
CA TYR A 183 3.62 -23.09 -7.90
C TYR A 183 3.83 -21.68 -7.39
N THR A 184 5.10 -21.25 -7.40
CA THR A 184 5.47 -19.87 -7.14
C THR A 184 6.60 -19.53 -8.09
N THR A 185 6.41 -18.50 -8.91
CA THR A 185 7.39 -18.19 -9.95
C THR A 185 7.70 -16.70 -9.94
N ARG A 186 8.77 -16.36 -10.66
CA ARG A 186 9.31 -15.01 -10.72
C ARG A 186 9.13 -14.42 -12.11
N ASN A 187 9.35 -13.11 -12.22
CA ASN A 187 9.25 -12.43 -13.50
C ASN A 187 10.47 -12.67 -14.36
N ILE A 188 11.66 -12.72 -13.77
CA ILE A 188 12.92 -12.80 -14.49
C ILE A 188 13.49 -14.20 -14.32
N LEU A 189 13.76 -14.87 -15.44
CA LEU A 189 14.37 -16.19 -15.39
C LEU A 189 15.87 -16.08 -15.17
N PRO A 190 16.48 -17.08 -14.54
CA PRO A 190 17.92 -17.04 -14.32
C PRO A 190 18.69 -17.17 -15.63
N GLY A 191 19.89 -16.61 -15.65
CA GLY A 191 20.71 -16.61 -16.85
C GLY A 191 20.14 -15.80 -17.98
N VAL A 192 19.55 -14.64 -17.68
CA VAL A 192 18.95 -13.78 -18.68
C VAL A 192 19.63 -12.41 -18.60
N ASN A 193 19.99 -11.86 -19.75
CA ASN A 193 20.69 -10.58 -19.80
C ASN A 193 19.86 -9.48 -19.16
N ILE A 194 20.52 -8.63 -18.38
CA ILE A 194 19.87 -7.45 -17.82
C ILE A 194 20.25 -6.17 -18.56
N THR A 195 21.34 -6.17 -19.33
CA THR A 195 21.74 -5.01 -20.12
C THR A 195 20.84 -4.95 -21.35
N CYS A 196 19.71 -4.26 -21.21
CA CYS A 196 18.70 -4.22 -22.26
C CYS A 196 17.67 -3.15 -21.91
N THR A 197 16.71 -2.98 -22.80
CA THR A 197 15.57 -2.09 -22.57
C THR A 197 14.33 -2.75 -23.10
N PHE A 198 13.17 -2.33 -22.58
CA PHE A 198 11.91 -2.94 -22.99
C PHE A 198 11.46 -2.42 -24.35
N HIS A 199 10.92 -3.34 -25.15
CA HIS A 199 10.31 -3.00 -26.43
C HIS A 199 9.43 -4.17 -26.84
N LYS A 200 8.22 -3.87 -27.30
CA LYS A 200 7.24 -4.91 -27.57
C LYS A 200 7.75 -5.92 -28.60
N THR A 201 8.44 -5.43 -29.62
CA THR A 201 8.96 -6.29 -30.67
C THR A 201 10.40 -6.73 -30.43
N GLN A 202 11.26 -5.81 -29.97
CA GLN A 202 12.66 -6.15 -29.77
C GLN A 202 12.84 -7.16 -28.65
N ASN A 203 12.25 -6.90 -27.49
CA ASN A 203 12.42 -7.78 -26.33
C ASN A 203 11.32 -7.56 -25.30
N PRO A 204 10.21 -8.28 -25.41
CA PRO A 204 9.10 -8.10 -24.47
C PRO A 204 9.27 -8.80 -23.13
N GLN A 205 10.44 -9.38 -22.86
CA GLN A 205 10.69 -10.01 -21.58
C GLN A 205 11.57 -9.17 -20.66
N CYS A 206 12.28 -8.19 -21.20
CA CYS A 206 13.13 -7.34 -20.39
C CYS A 206 12.28 -6.45 -19.50
N PRO A 207 12.47 -6.48 -18.18
CA PRO A 207 11.60 -5.70 -17.29
C PRO A 207 11.96 -4.21 -17.22
N ILE A 208 13.14 -3.82 -17.69
CA ILE A 208 13.58 -2.43 -17.58
C ILE A 208 12.71 -1.58 -18.48
N PHE A 209 11.87 -0.73 -17.87
CA PHE A 209 10.99 0.16 -18.61
C PHE A 209 11.53 1.57 -18.58
N ARG A 210 11.47 2.23 -19.73
CA ARG A 210 11.85 3.63 -19.86
C ARG A 210 10.60 4.49 -19.77
N LEU A 211 10.63 5.51 -18.90
CA LEU A 211 9.42 6.28 -18.64
C LEU A 211 8.93 7.00 -19.89
N GLY A 212 9.85 7.57 -20.66
CA GLY A 212 9.49 8.09 -21.96
C GLY A 212 8.84 7.05 -22.83
N ASP A 213 9.38 5.82 -22.81
CA ASP A 213 8.83 4.74 -23.61
C ASP A 213 7.40 4.40 -23.19
N ILE A 214 7.19 4.19 -21.88
CA ILE A 214 5.85 3.80 -21.42
C ILE A 214 4.85 4.90 -21.73
N PHE A 215 5.27 6.17 -21.62
CA PHE A 215 4.33 7.25 -21.91
C PHE A 215 4.05 7.36 -23.41
N GLN A 216 5.05 7.12 -24.26
CA GLN A 216 4.84 7.26 -25.69
C GLN A 216 4.07 6.09 -26.28
N GLU A 217 4.17 4.90 -25.69
CA GLU A 217 3.41 3.76 -26.19
C GLU A 217 1.91 4.02 -26.10
N THR A 218 1.45 4.58 -24.99
CA THR A 218 0.04 4.92 -24.84
C THR A 218 -0.38 6.05 -25.77
N GLY A 219 0.56 6.87 -26.23
CA GLY A 219 0.26 7.96 -27.13
C GLY A 219 0.17 9.33 -26.49
N ASP A 220 0.66 9.49 -25.27
CA ASP A 220 0.59 10.76 -24.55
C ASP A 220 1.99 11.34 -24.43
N SER A 221 2.17 12.57 -24.89
CA SER A 221 3.45 13.25 -24.75
C SER A 221 3.76 13.47 -23.28
N PHE A 222 5.02 13.23 -22.90
CA PHE A 222 5.39 13.34 -21.50
C PHE A 222 5.34 14.77 -21.01
N SER A 223 5.77 15.73 -21.85
CA SER A 223 5.88 17.11 -21.40
C SER A 223 4.53 17.68 -20.97
N ASP A 224 3.48 17.41 -21.76
CA ASP A 224 2.17 17.95 -21.44
C ASP A 224 1.65 17.41 -20.11
N VAL A 225 1.83 16.12 -19.85
CA VAL A 225 1.35 15.54 -18.61
C VAL A 225 2.28 15.83 -17.44
N ALA A 226 3.51 16.26 -17.71
CA ALA A 226 4.45 16.56 -16.62
C ALA A 226 4.12 17.84 -15.89
N ILE A 227 3.22 18.67 -16.42
CA ILE A 227 2.85 19.91 -15.75
C ILE A 227 2.16 19.61 -14.43
N GLN A 228 1.20 18.69 -14.45
CA GLN A 228 0.43 18.35 -13.26
C GLN A 228 0.55 16.88 -12.87
N GLY A 229 1.26 16.08 -13.66
CA GLY A 229 1.37 14.67 -13.37
C GLY A 229 0.15 13.88 -13.81
N GLY A 230 0.04 12.68 -13.27
CA GLY A 230 -1.05 11.78 -13.60
C GLY A 230 -0.80 10.44 -12.95
N ILE A 231 -1.72 9.51 -13.22
CA ILE A 231 -1.62 8.15 -12.70
C ILE A 231 -1.36 7.22 -13.88
N MET A 232 -0.22 6.54 -13.83
CA MET A 232 0.14 5.59 -14.87
C MET A 232 -0.07 4.17 -14.38
N GLY A 233 -0.26 3.26 -15.32
CA GLY A 233 -0.43 1.88 -14.93
C GLY A 233 0.24 0.88 -15.83
N ILE A 234 1.10 0.08 -15.24
CA ILE A 234 1.69 -1.05 -15.97
C ILE A 234 0.82 -2.25 -15.65
N GLU A 235 0.62 -3.13 -16.62
CA GLU A 235 -0.13 -4.36 -16.40
C GLU A 235 0.72 -5.55 -16.81
N ILE A 236 0.83 -6.52 -15.91
CA ILE A 236 1.54 -7.76 -16.17
C ILE A 236 0.52 -8.89 -16.17
N TYR A 237 0.30 -9.48 -17.34
CA TYR A 237 -0.66 -10.57 -17.50
C TYR A 237 0.09 -11.89 -17.54
N TRP A 238 -0.34 -12.82 -16.68
CA TRP A 238 0.23 -14.16 -16.62
C TRP A 238 -0.84 -15.18 -16.99
N ASP A 239 -0.56 -16.01 -18.00
CA ASP A 239 -1.49 -17.04 -18.45
C ASP A 239 -0.70 -18.34 -18.50
N CYS A 240 -0.72 -19.09 -17.39
CA CYS A 240 0.23 -20.15 -17.14
C CYS A 240 -0.45 -21.50 -17.19
N ASN A 241 0.07 -22.40 -18.02
CA ASN A 241 -0.42 -23.77 -18.09
C ASN A 241 0.51 -24.68 -17.29
N LEU A 242 -0.03 -25.31 -16.24
CA LEU A 242 0.77 -26.06 -15.31
C LEU A 242 0.87 -27.54 -15.65
N ASP A 243 0.26 -27.99 -16.74
CA ASP A 243 0.33 -29.39 -17.13
C ASP A 243 1.75 -29.76 -17.53
N GLY A 244 2.07 -31.04 -17.40
CA GLY A 244 3.39 -31.51 -17.80
C GLY A 244 3.67 -31.26 -19.27
N TRP A 245 2.68 -31.51 -20.12
CA TRP A 245 2.79 -31.22 -21.54
C TRP A 245 2.28 -29.81 -21.81
N PHE A 246 2.92 -29.14 -22.77
CA PHE A 246 2.59 -27.76 -23.12
C PHE A 246 2.66 -26.85 -21.88
N HIS A 247 3.74 -27.01 -21.12
CA HIS A 247 3.95 -26.22 -19.92
C HIS A 247 4.62 -24.91 -20.28
N HIS A 248 4.01 -23.79 -19.88
CA HIS A 248 4.62 -22.48 -20.10
C HIS A 248 3.96 -21.49 -19.16
N CYS A 249 4.76 -20.58 -18.62
CA CYS A 249 4.25 -19.62 -17.64
C CYS A 249 5.06 -18.33 -17.81
N ARG A 250 4.57 -17.42 -18.64
CA ARG A 250 5.34 -16.25 -19.02
C ARG A 250 4.44 -15.01 -19.00
N PRO A 251 5.01 -13.85 -18.71
CA PRO A 251 4.23 -12.63 -18.58
C PRO A 251 4.17 -11.81 -19.87
N LYS A 252 3.16 -10.95 -19.94
CA LYS A 252 3.02 -9.98 -21.01
C LYS A 252 2.78 -8.61 -20.41
N TYR A 253 3.44 -7.60 -20.98
CA TYR A 253 3.43 -6.24 -20.45
C TYR A 253 2.55 -5.34 -21.30
N SER A 254 1.68 -4.58 -20.65
CA SER A 254 0.87 -3.56 -21.31
C SER A 254 0.85 -2.31 -20.42
N PHE A 255 0.38 -1.19 -20.96
CA PHE A 255 0.38 0.05 -20.20
C PHE A 255 -0.86 0.86 -20.55
N ARG A 256 -1.34 1.64 -19.59
CA ARG A 256 -2.44 2.56 -19.86
C ARG A 256 -2.53 3.62 -18.78
N ARG A 257 -3.31 4.66 -19.08
CA ARG A 257 -3.46 5.84 -18.24
C ARG A 257 -4.72 5.69 -17.39
N LEU A 258 -4.53 5.60 -16.06
CA LEU A 258 -5.66 5.56 -15.16
C LEU A 258 -6.24 6.94 -14.86
N ASP A 259 -5.58 8.01 -15.29
CA ASP A 259 -6.12 9.33 -15.10
C ASP A 259 -7.13 9.63 -16.20
N ASP A 260 -8.14 10.46 -15.86
CA ASP A 260 -9.21 10.74 -16.79
C ASP A 260 -8.70 11.42 -18.06
N LYS A 261 -7.77 12.38 -17.91
CA LYS A 261 -7.16 13.15 -18.98
C LYS A 261 -8.14 14.09 -19.66
N THR A 262 -9.42 14.08 -19.30
CA THR A 262 -10.39 15.03 -19.79
C THR A 262 -10.68 16.15 -18.79
N THR A 263 -10.46 15.88 -17.50
CA THR A 263 -10.61 16.87 -16.43
C THR A 263 -12.01 17.46 -16.38
N SER A 264 -12.18 18.51 -15.58
CA SER A 264 -13.46 19.19 -15.43
C SER A 264 -13.19 20.53 -14.77
N GLU A 265 -14.13 21.46 -14.97
CA GLU A 265 -14.00 22.77 -14.34
C GLU A 265 -14.05 22.65 -12.81
N SER A 266 -14.98 21.84 -12.29
CA SER A 266 -15.09 21.67 -10.85
C SER A 266 -13.90 20.91 -10.29
N LEU A 267 -13.50 19.82 -10.95
CA LEU A 267 -12.39 19.00 -10.48
C LEU A 267 -11.07 19.62 -10.93
N TYR A 268 -9.96 18.91 -10.71
CA TYR A 268 -8.64 19.40 -11.10
C TYR A 268 -7.79 18.27 -11.67
N PRO A 269 -7.08 18.53 -12.75
CA PRO A 269 -6.30 17.47 -13.41
C PRO A 269 -4.99 17.23 -12.68
N GLY A 270 -4.34 16.13 -13.07
CA GLY A 270 -3.07 15.75 -12.50
C GLY A 270 -3.24 15.06 -11.16
N TYR A 271 -2.10 14.68 -10.58
CA TYR A 271 -2.07 14.00 -9.29
C TYR A 271 -1.06 14.75 -8.41
N ASN A 272 -1.57 15.65 -7.57
CA ASN A 272 -0.73 16.52 -6.76
C ASN A 272 -1.10 16.40 -5.29
N PHE A 273 -0.10 16.67 -4.44
CA PHE A 273 -0.31 16.68 -3.01
C PHE A 273 0.72 17.59 -2.37
N ARG A 274 0.45 18.01 -1.13
CA ARG A 274 1.36 18.87 -0.40
C ARG A 274 2.12 18.05 0.63
N TYR A 275 3.42 18.28 0.72
CA TYR A 275 4.32 17.50 1.55
C TYR A 275 5.02 18.42 2.55
N ALA A 276 5.15 17.95 3.79
CA ALA A 276 5.61 18.79 4.89
C ALA A 276 7.01 18.40 5.34
N LYS A 277 7.81 19.40 5.70
CA LYS A 277 9.14 19.19 6.26
C LYS A 277 9.34 20.23 7.36
N TYR A 278 9.31 19.79 8.61
CA TYR A 278 9.35 20.68 9.76
C TYR A 278 10.79 20.90 10.22
N TYR A 279 11.03 22.08 10.78
CA TYR A 279 12.33 22.40 11.36
C TYR A 279 12.15 23.54 12.37
N LYS A 280 12.73 23.36 13.55
CA LYS A 280 12.67 24.38 14.59
C LYS A 280 13.92 25.25 14.52
N GLU A 281 13.73 26.56 14.56
CA GLU A 281 14.84 27.50 14.47
C GLU A 281 14.49 28.76 15.24
N ASN A 282 15.50 29.34 15.90
CA ASN A 282 15.34 30.58 16.67
C ASN A 282 14.25 30.44 17.72
N ASN A 283 14.13 29.24 18.29
CA ASN A 283 13.09 28.91 19.27
C ASN A 283 11.69 29.08 18.69
N VAL A 284 11.55 28.92 17.38
CA VAL A 284 10.27 28.98 16.69
C VAL A 284 10.13 27.75 15.81
N GLU A 285 8.89 27.36 15.54
CA GLU A 285 8.60 26.22 14.68
C GLU A 285 8.21 26.73 13.30
N LYS A 286 8.78 26.12 12.25
CA LYS A 286 8.47 26.53 10.90
C LYS A 286 8.61 25.32 9.98
N ARG A 287 7.76 25.26 8.96
CA ARG A 287 7.78 24.16 8.01
C ARG A 287 8.29 24.63 6.65
N THR A 288 8.43 23.66 5.76
CA THR A 288 8.89 23.89 4.39
C THR A 288 8.02 23.10 3.42
N LEU A 289 6.70 23.21 3.57
CA LEU A 289 5.81 22.39 2.76
C LEU A 289 5.96 22.75 1.29
N ILE A 290 5.87 21.72 0.45
CA ILE A 290 6.06 21.84 -0.99
C ILE A 290 4.81 21.31 -1.66
N LYS A 291 4.35 22.03 -2.68
CA LYS A 291 3.34 21.50 -3.58
C LYS A 291 4.03 20.56 -4.57
N VAL A 292 3.49 19.36 -4.71
CA VAL A 292 4.15 18.25 -5.37
C VAL A 292 3.24 17.75 -6.49
N PHE A 293 3.73 17.79 -7.72
CA PHE A 293 3.11 17.14 -8.86
C PHE A 293 4.02 15.97 -9.24
N GLY A 294 3.45 14.77 -9.27
CA GLY A 294 4.24 13.61 -9.59
C GLY A 294 3.42 12.45 -10.11
N ILE A 295 3.89 11.83 -11.19
CA ILE A 295 3.16 10.75 -11.82
C ILE A 295 3.28 9.48 -10.97
N ARG A 296 2.24 9.18 -10.21
CA ARG A 296 2.22 7.93 -9.46
C ARG A 296 2.02 6.76 -10.41
N PHE A 297 2.85 5.74 -10.26
CA PHE A 297 2.75 4.53 -11.04
C PHE A 297 2.06 3.45 -10.21
N ASP A 298 1.16 2.69 -10.86
CA ASP A 298 0.44 1.61 -10.22
C ASP A 298 0.65 0.35 -11.07
N ILE A 299 1.43 -0.57 -10.52
CA ILE A 299 1.65 -1.86 -11.16
C ILE A 299 0.45 -2.75 -10.87
N LEU A 300 -0.13 -3.31 -11.92
CA LEU A 300 -1.31 -4.17 -11.82
C LEU A 300 -0.93 -5.52 -12.41
N VAL A 301 -0.81 -6.53 -11.55
CA VAL A 301 -0.37 -7.85 -11.95
C VAL A 301 -1.54 -8.81 -11.76
N PHE A 302 -1.88 -9.55 -12.81
CA PHE A 302 -2.95 -10.53 -12.69
C PHE A 302 -2.68 -11.68 -13.65
N GLY A 303 -3.26 -12.83 -13.31
CA GLY A 303 -2.98 -14.01 -14.10
C GLY A 303 -3.84 -15.18 -13.67
N THR A 304 -3.80 -16.23 -14.48
CA THR A 304 -4.52 -17.46 -14.24
C THR A 304 -3.60 -18.64 -14.46
N GLY A 305 -3.91 -19.75 -13.81
CA GLY A 305 -3.16 -20.98 -13.96
C GLY A 305 -4.02 -22.19 -13.64
N GLY A 306 -4.03 -23.18 -14.54
CA GLY A 306 -4.87 -24.34 -14.40
C GLY A 306 -4.06 -25.62 -14.40
N LYS A 307 -4.74 -26.72 -14.08
CA LYS A 307 -4.12 -28.04 -13.99
C LYS A 307 -5.09 -29.05 -14.60
N PHE A 308 -4.86 -30.33 -14.32
CA PHE A 308 -5.64 -31.41 -14.91
C PHE A 308 -6.51 -32.11 -13.87
N ASN A 309 -7.18 -31.33 -13.01
CA ASN A 309 -8.17 -31.89 -12.11
C ASN A 309 -9.25 -32.59 -12.92
N VAL A 310 -9.44 -33.89 -12.64
CA VAL A 310 -10.34 -34.69 -13.46
C VAL A 310 -11.81 -34.39 -13.19
N ILE A 311 -12.14 -33.77 -12.06
CA ILE A 311 -13.54 -33.52 -11.72
C ILE A 311 -14.17 -32.55 -12.72
N GLN A 312 -13.43 -31.49 -13.08
CA GLN A 312 -13.93 -30.56 -14.08
C GLN A 312 -14.12 -31.24 -15.42
N LEU A 313 -13.18 -32.10 -15.80
CA LEU A 313 -13.31 -32.85 -17.05
C LEU A 313 -14.57 -33.70 -17.05
N ALA A 314 -14.82 -34.40 -15.94
CA ALA A 314 -16.00 -35.24 -15.84
C ALA A 314 -17.27 -34.40 -15.92
N VAL A 315 -17.30 -33.27 -15.23
CA VAL A 315 -18.49 -32.42 -15.22
C VAL A 315 -18.79 -31.93 -16.63
N TYR A 316 -17.77 -31.42 -17.33
CA TYR A 316 -17.99 -30.91 -18.67
C TYR A 316 -18.41 -32.01 -19.63
N ILE A 317 -17.78 -33.18 -19.55
CA ILE A 317 -18.14 -34.27 -20.47
C ILE A 317 -19.57 -34.72 -20.23
N GLY A 318 -19.97 -34.86 -18.96
CA GLY A 318 -21.34 -35.20 -18.66
C GLY A 318 -22.31 -34.15 -19.16
N SER A 319 -21.94 -32.87 -19.05
CA SER A 319 -22.81 -31.81 -19.55
C SER A 319 -22.98 -31.91 -21.07
N VAL A 320 -21.90 -32.16 -21.79
CA VAL A 320 -21.97 -32.16 -23.26
C VAL A 320 -22.50 -33.46 -23.84
N ILE A 321 -22.59 -34.53 -23.05
CA ILE A 321 -23.18 -35.77 -23.55
C ILE A 321 -24.65 -35.55 -23.94
N SER A 322 -25.32 -34.59 -23.29
CA SER A 322 -26.71 -34.33 -23.60
C SER A 322 -26.90 -33.88 -25.05
N TYR A 323 -25.90 -33.21 -25.63
CA TYR A 323 -26.00 -32.82 -27.03
C TYR A 323 -25.89 -34.03 -27.96
N PHE A 324 -24.99 -34.96 -27.63
CA PHE A 324 -24.95 -36.25 -28.32
C PHE A 324 -26.33 -36.91 -28.28
N GLY A 325 -26.98 -36.88 -27.12
CA GLY A 325 -28.31 -37.45 -27.02
C GLY A 325 -29.34 -36.69 -27.86
N LEU A 326 -29.31 -35.37 -27.80
CA LEU A 326 -30.32 -34.56 -28.47
C LEU A 326 -30.19 -34.62 -29.98
N ALA A 327 -28.98 -34.81 -30.49
CA ALA A 327 -28.79 -34.96 -31.93
C ALA A 327 -29.55 -36.17 -32.45
N THR A 328 -29.47 -37.29 -31.73
CA THR A 328 -30.29 -38.46 -32.06
C THR A 328 -31.76 -38.20 -31.80
N VAL A 329 -32.08 -37.37 -30.79
CA VAL A 329 -33.47 -37.05 -30.50
C VAL A 329 -34.11 -36.32 -31.68
N PHE A 330 -33.41 -35.36 -32.25
CA PHE A 330 -33.95 -34.60 -33.38
C PHE A 330 -33.53 -35.22 -34.71
N TRP B 11 -48.47 -33.74 -16.04
CA TRP B 11 -47.88 -32.90 -17.08
C TRP B 11 -47.52 -31.51 -16.54
N ILE B 12 -47.87 -31.29 -15.26
CA ILE B 12 -47.72 -29.97 -14.68
C ILE B 12 -46.25 -29.76 -14.37
N PHE B 13 -45.58 -30.83 -13.92
CA PHE B 13 -44.15 -30.77 -13.71
C PHE B 13 -43.40 -30.49 -14.99
N HIS B 14 -43.96 -30.91 -16.14
CA HIS B 14 -43.28 -30.70 -17.41
C HIS B 14 -43.01 -29.22 -17.68
N ALA B 15 -43.86 -28.35 -17.17
CA ALA B 15 -43.84 -26.91 -17.37
C ALA B 15 -43.20 -26.25 -16.16
N LEU B 16 -43.41 -26.89 -15.00
CA LEU B 16 -42.80 -26.39 -13.78
C LEU B 16 -41.28 -26.43 -13.86
N VAL B 17 -40.73 -27.51 -14.43
CA VAL B 17 -39.28 -27.60 -14.55
C VAL B 17 -38.76 -26.46 -15.44
N PHE B 18 -39.51 -26.14 -16.48
CA PHE B 18 -39.09 -25.20 -17.52
C PHE B 18 -39.05 -23.81 -16.88
N SER B 19 -40.07 -23.54 -16.05
CA SER B 19 -40.25 -22.31 -15.31
C SER B 19 -39.12 -22.18 -14.31
N TYR B 20 -38.79 -23.28 -13.58
CA TYR B 20 -37.63 -23.19 -12.70
C TYR B 20 -36.31 -22.85 -13.42
N ILE B 21 -36.08 -23.41 -14.60
CA ILE B 21 -34.78 -23.27 -15.24
C ILE B 21 -34.70 -21.87 -15.79
N SER B 22 -35.83 -21.37 -16.30
CA SER B 22 -35.86 -20.01 -16.81
C SER B 22 -35.60 -18.99 -15.71
N PHE B 23 -36.28 -19.18 -14.58
CA PHE B 23 -36.16 -18.41 -13.34
C PHE B 23 -34.68 -18.33 -12.93
N ALA B 24 -34.00 -19.49 -12.92
CA ALA B 24 -32.61 -19.60 -12.46
C ALA B 24 -31.69 -18.88 -13.45
N LEU B 25 -31.92 -19.09 -14.75
CA LEU B 25 -31.09 -18.47 -15.77
C LEU B 25 -31.23 -16.95 -15.77
N ILE B 26 -32.45 -16.45 -15.59
CA ILE B 26 -32.64 -15.00 -15.59
C ILE B 26 -32.07 -14.39 -14.32
N SER B 27 -32.28 -15.03 -13.17
CA SER B 27 -31.85 -14.44 -11.90
C SER B 27 -30.34 -14.52 -11.72
N ASP B 28 -29.80 -15.75 -11.69
CA ASP B 28 -28.38 -15.88 -11.35
C ASP B 28 -27.43 -15.40 -12.44
N LYS B 29 -27.96 -15.10 -13.61
CA LYS B 29 -27.25 -14.78 -14.86
C LYS B 29 -26.18 -15.83 -15.17
N ARG B 30 -26.62 -17.07 -15.36
CA ARG B 30 -25.68 -18.14 -15.68
C ARG B 30 -25.09 -17.96 -17.07
N TYR B 31 -25.83 -17.35 -17.98
CA TYR B 31 -25.34 -17.13 -19.34
C TYR B 31 -24.31 -16.00 -19.42
N GLN B 32 -23.78 -15.56 -18.27
CA GLN B 32 -22.79 -14.50 -18.20
C GLN B 32 -21.48 -15.07 -17.67
N LYS B 33 -20.38 -14.81 -18.37
CA LYS B 33 -19.09 -15.30 -17.88
C LYS B 33 -18.52 -14.19 -17.00
N LYS B 34 -18.34 -14.47 -15.71
CA LYS B 34 -17.93 -13.43 -14.77
C LYS B 34 -16.41 -13.24 -14.79
N GLU B 35 -15.99 -12.01 -14.47
CA GLU B 35 -14.56 -11.69 -14.46
C GLU B 35 -14.15 -10.88 -13.24
N PRO B 36 -12.91 -11.05 -12.72
CA PRO B 36 -12.59 -10.29 -11.52
C PRO B 36 -12.45 -8.81 -11.79
N LEU B 37 -11.93 -8.09 -10.80
CA LEU B 37 -11.84 -6.63 -10.84
C LEU B 37 -10.41 -6.18 -10.62
N ILE B 38 -9.97 -5.19 -11.40
CA ILE B 38 -8.68 -4.55 -11.20
C ILE B 38 -8.91 -3.06 -11.00
N SER B 39 -8.49 -2.52 -9.87
CA SER B 39 -8.92 -1.19 -9.47
C SER B 39 -7.75 -0.27 -9.14
N SER B 40 -7.98 1.03 -9.29
CA SER B 40 -7.01 2.02 -8.80
C SER B 40 -7.77 3.13 -8.11
N VAL B 41 -7.29 3.54 -6.95
CA VAL B 41 -8.00 4.47 -6.08
C VAL B 41 -7.23 5.78 -6.00
N HIS B 42 -7.94 6.88 -6.23
CA HIS B 42 -7.41 8.22 -6.03
C HIS B 42 -8.23 8.88 -4.92
N THR B 43 -7.54 9.46 -3.94
CA THR B 43 -8.25 10.02 -2.80
C THR B 43 -7.74 11.40 -2.44
N LYS B 44 -8.67 12.30 -2.10
CA LYS B 44 -8.33 13.62 -1.61
C LYS B 44 -9.09 13.90 -0.32
N VAL B 45 -8.38 14.31 0.72
CA VAL B 45 -8.98 14.71 1.97
C VAL B 45 -8.77 16.20 2.12
N LYS B 46 -9.85 16.93 2.38
CA LYS B 46 -9.77 18.38 2.42
C LYS B 46 -10.30 18.89 3.75
N GLY B 47 -10.14 20.20 3.96
CA GLY B 47 -10.60 20.87 5.15
C GLY B 47 -9.49 21.00 6.18
N ILE B 48 -9.77 21.85 7.18
CA ILE B 48 -8.77 22.27 8.15
C ILE B 48 -9.38 22.08 9.54
N ALA B 49 -8.52 22.07 10.55
CA ALA B 49 -8.97 21.94 11.93
C ALA B 49 -8.22 22.93 12.80
N GLU B 50 -8.86 23.34 13.90
CA GLU B 50 -8.27 24.26 14.85
C GLU B 50 -8.24 23.62 16.22
N VAL B 51 -7.12 23.76 16.93
CA VAL B 51 -6.91 23.16 18.23
C VAL B 51 -6.72 24.27 19.25
N LYS B 52 -7.43 24.18 20.37
CA LYS B 52 -7.27 25.13 21.48
C LYS B 52 -7.71 24.41 22.74
N ALA B 53 -6.75 23.95 23.53
CA ALA B 53 -7.06 23.14 24.71
C ALA B 53 -5.90 23.25 25.69
N GLU B 54 -6.02 22.53 26.81
CA GLU B 54 -4.99 22.48 27.82
C GLU B 54 -4.59 21.04 28.10
N ILE B 55 -3.30 20.82 28.35
CA ILE B 55 -2.75 19.51 28.59
C ILE B 55 -1.93 19.53 29.87
N LEU B 56 -1.76 18.35 30.46
CA LEU B 56 -0.95 18.17 31.66
C LEU B 56 0.22 17.26 31.30
N GLU B 57 1.38 17.86 31.02
CA GLU B 57 2.58 17.11 30.64
C GLU B 57 3.57 17.15 31.79
N ASN B 58 3.99 15.97 32.28
CA ASN B 58 4.99 15.91 33.36
C ASN B 58 4.48 16.65 34.58
N GLY B 59 3.13 16.70 34.67
CA GLY B 59 2.42 17.26 35.79
C GLY B 59 2.41 18.77 35.80
N MET B 60 2.63 19.36 34.63
CA MET B 60 2.71 20.80 34.43
C MET B 60 1.65 21.14 33.39
N LYS B 61 0.89 22.21 33.63
CA LYS B 61 -0.16 22.58 32.71
C LYS B 61 0.40 23.41 31.56
N LYS B 62 -0.09 23.15 30.36
CA LYS B 62 0.33 23.86 29.17
C LYS B 62 -0.87 24.08 28.27
N MET B 63 -0.77 25.08 27.41
CA MET B 63 -1.84 25.44 26.48
C MET B 63 -1.43 25.06 25.06
N VAL B 64 -2.26 24.26 24.39
CA VAL B 64 -1.98 23.88 23.02
C VAL B 64 -2.98 24.62 22.13
N SER B 65 -2.47 25.53 21.30
CA SER B 65 -3.31 26.32 20.40
C SER B 65 -2.67 26.40 19.02
N GLY B 66 -3.49 26.30 17.97
CA GLY B 66 -2.93 26.39 16.63
C GLY B 66 -3.89 25.74 15.65
N VAL B 67 -3.41 25.52 14.43
CA VAL B 67 -4.29 25.20 13.32
C VAL B 67 -3.56 24.13 12.51
N PHE B 68 -4.28 23.07 12.13
CA PHE B 68 -3.71 21.98 11.35
C PHE B 68 -4.39 21.91 9.99
N ASP B 69 -3.59 21.89 8.93
CA ASP B 69 -4.10 21.85 7.56
C ASP B 69 -3.60 20.59 6.87
N THR B 70 -3.93 20.46 5.58
CA THR B 70 -3.74 19.19 4.87
C THR B 70 -2.31 18.67 4.92
N ALA B 71 -1.34 19.52 5.25
CA ALA B 71 0.03 19.07 5.39
C ALA B 71 0.34 18.50 6.77
N ASP B 72 -0.60 18.62 7.71
CA ASP B 72 -0.36 18.23 9.10
C ASP B 72 -1.10 16.97 9.51
N TYR B 73 -2.40 16.88 9.22
CA TYR B 73 -3.24 15.83 9.78
C TYR B 73 -3.31 14.57 8.92
N THR B 74 -2.30 14.31 8.10
CA THR B 74 -2.32 13.12 7.27
C THR B 74 -0.90 12.79 6.83
N PHE B 75 -0.78 11.83 5.91
CA PHE B 75 0.50 11.38 5.35
C PHE B 75 0.26 10.98 3.91
N PRO B 76 1.28 10.72 3.13
CA PRO B 76 1.08 10.58 1.69
C PRO B 76 0.32 9.25 1.53
N LEU B 77 -0.50 9.15 0.47
CA LEU B 77 -1.41 8.02 0.32
C LEU B 77 -0.65 6.71 0.26
N GLN B 78 -1.16 5.71 0.98
CA GLN B 78 -0.56 4.39 1.06
C GLN B 78 -1.47 3.40 0.32
N GLY B 79 -1.28 3.32 -0.99
CA GLY B 79 -2.10 2.44 -1.80
C GLY B 79 -3.56 2.84 -1.73
N ASN B 80 -4.42 1.86 -1.45
CA ASN B 80 -5.85 2.12 -1.44
C ASN B 80 -6.33 2.37 0.00
N SER B 81 -5.94 3.52 0.51
CA SER B 81 -6.19 3.84 1.92
C SER B 81 -5.80 5.30 2.15
N PHE B 82 -6.26 5.86 3.28
CA PHE B 82 -5.76 7.17 3.66
C PHE B 82 -5.95 7.33 5.16
N PHE B 83 -5.14 8.19 5.76
CA PHE B 83 -5.06 8.31 7.22
C PHE B 83 -5.40 9.73 7.64
N VAL B 84 -6.03 9.87 8.80
CA VAL B 84 -6.40 11.19 9.30
C VAL B 84 -5.97 11.31 10.76
N MET B 85 -5.28 12.39 11.09
CA MET B 85 -4.91 12.67 12.48
C MET B 85 -6.15 12.74 13.36
N THR B 86 -6.06 12.18 14.55
CA THR B 86 -7.16 12.37 15.48
C THR B 86 -6.73 12.88 16.85
N ASN B 87 -5.59 12.42 17.35
CA ASN B 87 -5.14 12.82 18.68
C ASN B 87 -3.64 12.58 18.77
N PHE B 88 -2.97 13.33 19.65
CA PHE B 88 -1.55 13.04 19.71
C PHE B 88 -0.99 13.43 21.07
N ILE B 89 0.15 12.82 21.40
CA ILE B 89 0.84 13.15 22.65
C ILE B 89 2.26 13.50 22.26
N LYS B 90 2.70 14.70 22.57
CA LYS B 90 3.97 15.21 22.09
C LYS B 90 5.02 15.15 23.18
N THR B 91 6.25 14.78 22.81
CA THR B 91 7.39 14.80 23.72
C THR B 91 8.58 15.34 22.96
N GLU B 92 9.12 16.47 23.42
CA GLU B 92 10.15 17.20 22.71
C GLU B 92 11.49 17.02 23.39
N GLY B 93 12.54 17.16 22.60
CA GLY B 93 13.88 17.19 23.14
C GLY B 93 14.39 15.92 23.79
N GLN B 94 14.54 14.84 23.03
CA GLN B 94 14.89 13.54 23.58
C GLN B 94 16.26 13.18 23.02
N GLN B 95 17.28 13.15 23.88
CA GLN B 95 18.65 12.84 23.48
C GLN B 95 19.04 11.47 24.01
N GLN B 96 19.95 10.79 23.31
CA GLN B 96 20.31 9.44 23.75
C GLN B 96 21.11 9.51 25.05
N GLY B 97 20.74 8.70 26.04
CA GLY B 97 21.53 8.74 27.25
C GLY B 97 20.85 7.87 28.27
N LEU B 98 21.48 7.77 29.45
CA LEU B 98 20.98 6.90 30.52
C LEU B 98 20.13 7.75 31.46
N CYS B 99 18.87 7.36 31.65
CA CYS B 99 17.96 8.13 32.49
C CYS B 99 16.89 7.21 33.05
N PRO B 100 16.35 7.52 34.25
CA PRO B 100 15.25 6.73 34.78
C PRO B 100 14.03 6.81 33.88
N ASP B 101 13.27 5.71 33.85
CA ASP B 101 12.11 5.62 32.97
C ASP B 101 10.85 6.00 33.74
N PHE B 102 9.69 5.78 33.12
CA PHE B 102 8.42 6.09 33.75
C PHE B 102 8.12 5.10 34.88
N PRO B 103 7.78 5.58 36.07
CA PRO B 103 7.56 4.66 37.21
C PRO B 103 6.25 3.93 37.07
N THR B 104 6.32 2.65 36.72
CA THR B 104 5.16 1.77 36.74
C THR B 104 5.35 0.66 37.77
N ALA B 105 4.36 -0.24 37.80
CA ALA B 105 4.37 -1.42 38.66
C ALA B 105 5.63 -2.24 38.42
N ARG B 106 5.97 -2.48 37.15
CA ARG B 106 7.10 -3.34 36.81
C ARG B 106 8.44 -2.63 36.79
N THR B 107 8.46 -1.30 36.98
CA THR B 107 9.71 -0.55 36.94
C THR B 107 10.14 -0.01 38.29
N ILE B 108 9.25 0.04 39.29
CA ILE B 108 9.61 0.58 40.60
C ILE B 108 10.58 -0.37 41.29
N CYS B 109 11.67 0.18 41.85
CA CYS B 109 12.54 -0.69 42.62
C CYS B 109 12.91 0.00 43.94
N SER B 110 13.34 -0.81 44.90
CA SER B 110 13.86 -0.30 46.16
C SER B 110 15.34 -0.56 46.33
N SER B 111 15.91 -1.51 45.58
CA SER B 111 17.34 -1.77 45.62
C SER B 111 17.85 -2.02 44.21
N ASP B 112 19.16 -1.84 44.02
CA ASP B 112 19.73 -2.11 42.70
C ASP B 112 19.49 -3.55 42.26
N ARG B 113 19.40 -4.48 43.22
CA ARG B 113 19.14 -5.89 42.94
C ARG B 113 17.76 -6.12 42.38
N GLY B 114 16.86 -5.13 42.40
CA GLY B 114 15.51 -5.45 42.00
C GLY B 114 15.42 -5.58 40.49
N CYS B 115 16.27 -4.87 39.76
CA CYS B 115 16.30 -4.96 38.30
C CYS B 115 17.71 -5.37 37.89
N LYS B 116 17.79 -6.28 36.93
CA LYS B 116 19.05 -6.82 36.45
C LYS B 116 19.49 -6.12 35.17
N LYS B 117 20.79 -5.90 34.99
CA LYS B 117 21.21 -5.14 33.84
C LYS B 117 21.09 -6.02 32.59
N GLY B 118 20.70 -5.41 31.49
CA GLY B 118 20.46 -6.13 30.26
C GLY B 118 19.09 -6.76 30.13
N ARG B 119 18.22 -6.57 31.13
CA ARG B 119 16.89 -7.16 31.06
C ARG B 119 15.96 -6.25 30.26
N MET B 120 15.33 -6.82 29.24
CA MET B 120 14.45 -6.07 28.34
C MET B 120 13.02 -6.51 28.58
N ASP B 121 12.38 -5.91 29.57
CA ASP B 121 10.95 -6.13 29.79
C ASP B 121 10.17 -5.60 28.59
N PRO B 122 9.27 -6.38 28.01
CA PRO B 122 8.56 -5.95 26.78
C PRO B 122 7.50 -4.89 27.07
N GLN B 123 7.86 -3.91 27.88
CA GLN B 123 7.02 -2.76 28.17
C GLN B 123 7.95 -1.67 28.69
N SER B 124 8.66 -1.01 27.79
CA SER B 124 9.73 -0.09 28.14
C SER B 124 10.32 0.41 26.83
N LYS B 125 11.12 1.46 26.94
CA LYS B 125 11.96 1.93 25.82
C LYS B 125 13.37 2.09 26.37
N GLY B 126 14.26 1.19 25.99
CA GLY B 126 15.66 1.19 26.34
C GLY B 126 16.02 0.10 27.34
N ILE B 127 17.32 -0.04 27.58
CA ILE B 127 17.90 -1.17 28.29
C ILE B 127 18.43 -0.62 29.61
N GLN B 128 17.95 -1.17 30.72
CA GLN B 128 18.36 -0.76 32.05
C GLN B 128 19.81 -1.14 32.34
N THR B 129 20.42 -0.42 33.28
CA THR B 129 21.80 -0.67 33.67
C THR B 129 21.89 -1.22 35.08
N GLY B 130 20.81 -1.18 35.84
CA GLY B 130 20.87 -1.73 37.17
C GLY B 130 21.28 -0.77 38.27
N ARG B 131 20.72 0.45 38.28
CA ARG B 131 21.14 1.48 39.23
C ARG B 131 19.85 2.20 39.63
N CYS B 132 19.20 1.71 40.67
CA CYS B 132 17.91 2.23 41.12
C CYS B 132 18.12 3.59 41.79
N VAL B 133 17.95 4.67 41.01
CA VAL B 133 18.14 6.02 41.51
C VAL B 133 16.77 6.71 41.61
N VAL B 134 16.72 7.77 42.42
CA VAL B 134 15.51 8.58 42.47
C VAL B 134 15.17 9.23 41.13
N TYR B 135 13.88 9.33 40.81
CA TYR B 135 13.45 10.08 39.63
C TYR B 135 12.64 11.32 39.94
N LYS B 136 11.61 11.19 40.77
CA LYS B 136 10.77 12.32 41.15
C LYS B 136 9.97 11.93 42.38
N GLU B 137 9.89 12.85 43.34
CA GLU B 137 9.13 12.64 44.57
C GLU B 137 9.58 11.38 45.30
N ARG B 138 10.89 11.19 45.37
CA ARG B 138 11.52 10.04 46.02
C ARG B 138 10.99 8.70 45.51
N LEU B 139 10.97 8.55 44.20
CA LEU B 139 10.44 7.36 43.54
C LEU B 139 11.67 6.72 42.92
N LYS B 140 12.04 5.54 43.40
CA LYS B 140 13.29 4.91 42.97
C LYS B 140 13.05 3.97 41.80
N THR B 141 13.67 4.26 40.67
CA THR B 141 13.59 3.41 39.46
C THR B 141 14.99 3.33 38.87
N CYS B 142 15.27 2.33 38.07
CA CYS B 142 16.65 2.13 37.66
C CYS B 142 16.76 2.56 36.21
N GLU B 143 17.77 3.36 35.92
CA GLU B 143 17.83 4.09 34.67
C GLU B 143 18.06 3.16 33.48
N VAL B 144 17.56 3.56 32.31
CA VAL B 144 17.74 2.72 31.14
C VAL B 144 18.42 3.60 30.11
N SER B 145 19.02 2.97 29.11
CA SER B 145 19.68 3.73 28.05
C SER B 145 18.72 3.91 26.88
N ALA B 146 18.24 5.14 26.72
CA ALA B 146 17.23 5.41 25.72
C ALA B 146 17.19 6.91 25.47
N TRP B 147 16.16 7.37 24.78
CA TRP B 147 15.99 8.80 24.60
C TRP B 147 15.48 9.44 25.88
N CYS B 148 16.09 10.57 26.30
CA CYS B 148 15.56 11.18 27.48
C CYS B 148 15.02 12.56 27.14
N PRO B 149 13.96 13.02 27.82
CA PRO B 149 13.28 12.30 28.88
C PRO B 149 12.38 11.18 28.39
N ILE B 150 12.15 10.15 29.21
CA ILE B 150 11.41 8.99 28.72
C ILE B 150 9.95 9.39 28.55
N GLU B 151 9.35 9.06 27.41
CA GLU B 151 7.94 9.35 27.16
C GLU B 151 7.06 8.85 28.30
N GLU B 152 6.40 9.76 29.00
CA GLU B 152 5.53 9.35 30.10
C GLU B 152 4.29 8.66 29.56
N VAL B 153 3.97 7.50 30.13
CA VAL B 153 2.84 6.70 29.67
C VAL B 153 1.57 7.31 30.25
N LYS B 154 0.74 7.89 29.39
CA LYS B 154 -0.47 8.58 29.82
C LYS B 154 -1.56 8.34 28.79
N ASP B 155 -2.82 8.43 29.24
CA ASP B 155 -3.92 8.29 28.31
C ASP B 155 -4.11 9.54 27.47
N ALA B 156 -4.75 9.35 26.33
CA ALA B 156 -5.06 10.48 25.46
C ALA B 156 -6.09 11.41 26.14
N PRO B 157 -6.19 12.68 25.71
CA PRO B 157 -6.94 13.60 26.57
C PRO B 157 -8.40 13.23 26.33
N ARG B 158 -9.26 13.50 27.30
CA ARG B 158 -10.67 13.09 27.21
C ARG B 158 -11.40 13.85 26.12
N PRO B 159 -11.25 15.17 25.98
CA PRO B 159 -11.78 15.81 24.78
C PRO B 159 -10.77 15.69 23.64
N ALA B 160 -11.21 15.11 22.54
CA ALA B 160 -10.29 14.76 21.47
C ALA B 160 -9.79 16.07 20.86
N LEU B 161 -8.47 16.20 20.69
CA LEU B 161 -7.90 17.47 20.21
C LEU B 161 -8.49 17.82 18.86
N LEU B 162 -8.57 16.86 17.96
CA LEU B 162 -9.19 17.16 16.69
C LEU B 162 -10.62 16.65 16.60
N ASN B 163 -11.48 17.25 17.42
CA ASN B 163 -12.88 16.86 17.41
C ASN B 163 -13.59 17.41 16.19
N SER B 164 -13.01 18.44 15.58
CA SER B 164 -13.52 19.01 14.35
C SER B 164 -13.20 18.17 13.13
N ALA B 165 -12.38 17.12 13.27
CA ALA B 165 -12.01 16.30 12.12
C ALA B 165 -13.21 15.61 11.49
N GLU B 166 -14.31 15.44 12.23
CA GLU B 166 -15.51 14.86 11.64
C GLU B 166 -16.12 15.76 10.58
N ASN B 167 -15.73 17.02 10.51
CA ASN B 167 -16.26 17.95 9.51
C ASN B 167 -15.47 17.91 8.20
N PHE B 168 -14.50 17.02 8.07
CA PHE B 168 -13.70 16.94 6.85
C PHE B 168 -14.46 16.26 5.73
N THR B 169 -14.01 16.51 4.50
CA THR B 169 -14.60 15.87 3.34
C THR B 169 -13.52 15.06 2.62
N VAL B 170 -13.96 14.01 1.93
CA VAL B 170 -13.05 13.15 1.18
C VAL B 170 -13.66 12.88 -0.20
N LEU B 171 -12.89 13.15 -1.25
CA LEU B 171 -13.30 12.74 -2.59
C LEU B 171 -12.57 11.52 -3.09
N ILE B 172 -13.33 10.58 -3.65
CA ILE B 172 -12.81 9.28 -4.05
C ILE B 172 -13.08 9.09 -5.54
N LYS B 173 -12.02 8.78 -6.28
CA LYS B 173 -12.11 8.46 -7.70
C LYS B 173 -11.64 7.03 -7.88
N ASN B 174 -12.56 6.15 -8.28
CA ASN B 174 -12.25 4.75 -8.51
C ASN B 174 -12.24 4.47 -9.99
N ASN B 175 -11.17 3.81 -10.47
CA ASN B 175 -11.10 3.35 -11.85
C ASN B 175 -10.92 1.85 -11.94
N ILE B 176 -11.96 1.14 -12.39
CA ILE B 176 -11.88 -0.30 -12.33
C ILE B 176 -11.71 -0.81 -13.74
N ASP B 177 -11.21 -2.02 -13.85
CA ASP B 177 -10.92 -2.65 -15.12
C ASP B 177 -11.50 -4.04 -15.09
N PHE B 178 -11.79 -4.53 -16.29
CA PHE B 178 -12.17 -5.91 -16.50
C PHE B 178 -11.30 -6.49 -17.60
N PRO B 179 -10.13 -7.02 -17.26
CA PRO B 179 -9.15 -7.37 -18.29
C PRO B 179 -9.62 -8.44 -19.25
N GLY B 180 -10.52 -9.33 -18.81
CA GLY B 180 -11.08 -10.31 -19.71
C GLY B 180 -11.72 -9.67 -20.91
N HIS B 181 -12.50 -8.62 -20.69
CA HIS B 181 -13.18 -7.89 -21.74
C HIS B 181 -12.36 -6.65 -22.04
N ASN B 182 -12.87 -5.80 -22.93
CA ASN B 182 -12.26 -4.50 -23.16
C ASN B 182 -13.09 -3.43 -22.44
N TYR B 183 -12.97 -3.44 -21.11
CA TYR B 183 -13.69 -2.44 -20.34
C TYR B 183 -12.83 -1.87 -19.23
N THR B 184 -12.77 -0.55 -19.16
CA THR B 184 -12.15 0.18 -18.05
C THR B 184 -13.00 1.41 -17.80
N THR B 185 -13.54 1.56 -16.60
CA THR B 185 -14.48 2.63 -16.32
C THR B 185 -14.10 3.36 -15.03
N ARG B 186 -14.74 4.51 -14.80
CA ARG B 186 -14.40 5.38 -13.69
C ARG B 186 -15.57 5.46 -12.73
N ASN B 187 -15.32 6.05 -11.55
CA ASN B 187 -16.42 6.23 -10.61
C ASN B 187 -17.34 7.39 -10.96
N ILE B 188 -16.80 8.47 -11.46
CA ILE B 188 -17.54 9.69 -11.70
C ILE B 188 -17.77 9.85 -13.20
N LEU B 189 -19.03 10.02 -13.59
CA LEU B 189 -19.31 10.20 -15.00
C LEU B 189 -19.12 11.66 -15.38
N PRO B 190 -18.78 11.93 -16.64
CA PRO B 190 -18.59 13.31 -17.06
C PRO B 190 -19.90 14.07 -17.10
N GLY B 191 -19.79 15.38 -17.07
CA GLY B 191 -20.95 16.20 -16.82
C GLY B 191 -21.82 16.01 -15.58
N VAL B 192 -21.24 15.82 -14.40
CA VAL B 192 -21.99 15.42 -13.21
C VAL B 192 -21.58 16.43 -12.13
N ASN B 193 -22.54 16.94 -11.38
CA ASN B 193 -22.22 18.04 -10.47
C ASN B 193 -21.27 17.57 -9.39
N ILE B 194 -20.33 18.42 -8.97
CA ILE B 194 -19.51 18.01 -7.84
C ILE B 194 -19.84 18.79 -6.58
N THR B 195 -20.62 19.86 -6.67
CA THR B 195 -21.09 20.61 -5.51
C THR B 195 -22.24 19.82 -4.89
N CYS B 196 -21.91 18.92 -3.97
CA CYS B 196 -22.90 18.01 -3.39
C CYS B 196 -22.25 17.30 -2.20
N THR B 197 -23.04 16.46 -1.54
CA THR B 197 -22.55 15.61 -0.46
C THR B 197 -23.20 14.24 -0.59
N PHE B 198 -22.55 13.22 -0.07
CA PHE B 198 -23.16 11.89 -0.06
C PHE B 198 -24.34 11.69 0.88
N HIS B 199 -25.34 10.98 0.37
CA HIS B 199 -26.47 10.55 1.16
C HIS B 199 -27.15 9.38 0.46
N LYS B 200 -27.43 8.30 1.20
CA LYS B 200 -27.95 7.12 0.53
C LYS B 200 -29.24 7.41 -0.27
N THR B 201 -30.11 8.28 0.25
CA THR B 201 -31.37 8.57 -0.42
C THR B 201 -31.28 9.82 -1.30
N GLN B 202 -30.61 10.87 -0.81
CA GLN B 202 -30.54 12.11 -1.57
C GLN B 202 -29.72 11.95 -2.84
N ASN B 203 -28.52 11.38 -2.73
CA ASN B 203 -27.63 11.24 -3.88
C ASN B 203 -26.58 10.18 -3.63
N PRO B 204 -26.83 8.93 -3.97
CA PRO B 204 -25.87 7.85 -3.74
C PRO B 204 -24.76 7.76 -4.77
N GLN B 205 -24.67 8.70 -5.70
CA GLN B 205 -23.59 8.71 -6.68
C GLN B 205 -22.50 9.73 -6.38
N CYS B 206 -22.77 10.70 -5.52
CA CYS B 206 -21.79 11.75 -5.20
C CYS B 206 -20.67 11.17 -4.36
N PRO B 207 -19.39 11.39 -4.69
CA PRO B 207 -18.41 10.54 -4.03
C PRO B 207 -17.89 11.25 -2.80
N ILE B 208 -18.26 12.52 -2.62
CA ILE B 208 -17.80 13.32 -1.50
C ILE B 208 -18.46 12.77 -0.23
N PHE B 209 -17.65 12.17 0.63
CA PHE B 209 -18.16 11.59 1.87
C PHE B 209 -17.81 12.48 3.06
N ARG B 210 -18.70 12.58 4.04
CA ARG B 210 -18.37 13.43 5.16
C ARG B 210 -18.03 12.47 6.29
N LEU B 211 -16.93 12.74 7.01
CA LEU B 211 -16.46 11.78 8.01
C LEU B 211 -17.49 11.58 9.12
N GLY B 212 -18.12 12.67 9.57
CA GLY B 212 -19.22 12.51 10.51
C GLY B 212 -20.32 11.65 9.94
N ASP B 213 -20.62 11.83 8.65
CA ASP B 213 -21.68 11.06 8.02
C ASP B 213 -21.33 9.58 7.98
N ILE B 214 -20.13 9.25 7.48
CA ILE B 214 -19.76 7.84 7.40
C ILE B 214 -19.74 7.23 8.79
N PHE B 215 -19.35 8.03 9.81
CA PHE B 215 -19.28 7.44 11.13
C PHE B 215 -20.66 7.16 11.72
N GLN B 216 -21.66 7.94 11.33
CA GLN B 216 -22.95 8.02 11.98
C GLN B 216 -23.87 7.04 11.29
N GLU B 217 -23.57 6.74 10.01
CA GLU B 217 -24.33 5.74 9.28
C GLU B 217 -24.17 4.36 9.91
N THR B 218 -22.94 3.97 10.27
CA THR B 218 -22.69 2.70 10.94
C THR B 218 -23.26 2.69 12.35
N GLY B 219 -23.36 3.87 12.95
CA GLY B 219 -24.04 4.07 14.21
C GLY B 219 -23.11 4.20 15.41
N ASP B 220 -21.89 4.67 15.18
CA ASP B 220 -20.84 4.82 16.20
C ASP B 220 -20.58 6.31 16.29
N SER B 221 -20.59 6.84 17.49
CA SER B 221 -20.42 8.28 17.65
C SER B 221 -18.96 8.61 17.42
N PHE B 222 -18.70 9.75 16.78
CA PHE B 222 -17.32 10.06 16.39
C PHE B 222 -16.44 10.34 17.62
N SER B 223 -17.00 10.98 18.64
CA SER B 223 -16.23 11.52 19.76
C SER B 223 -15.71 10.36 20.57
N ASP B 224 -16.53 9.30 20.74
CA ASP B 224 -16.01 8.18 21.50
C ASP B 224 -14.86 7.48 20.79
N VAL B 225 -14.97 7.29 19.48
CA VAL B 225 -13.92 6.58 18.78
C VAL B 225 -12.70 7.46 18.53
N ALA B 226 -12.81 8.76 18.75
CA ALA B 226 -11.77 9.71 18.39
C ALA B 226 -10.69 9.71 19.45
N ILE B 227 -10.98 9.11 20.60
CA ILE B 227 -10.00 9.05 21.70
C ILE B 227 -8.80 8.22 21.28
N GLN B 228 -9.04 7.05 20.71
CA GLN B 228 -7.96 6.16 20.29
C GLN B 228 -7.99 5.84 18.80
N GLY B 229 -8.97 6.34 18.06
CA GLY B 229 -9.06 6.05 16.65
C GLY B 229 -9.66 4.68 16.38
N GLY B 230 -9.43 4.21 15.16
CA GLY B 230 -9.80 2.87 14.74
C GLY B 230 -9.76 2.79 13.24
N ILE B 231 -10.26 1.70 12.69
CA ILE B 231 -10.04 1.38 11.29
C ILE B 231 -11.42 1.44 10.64
N MET B 232 -11.59 2.34 9.69
CA MET B 232 -12.86 2.48 8.99
C MET B 232 -12.76 1.84 7.63
N GLY B 233 -13.91 1.38 7.11
CA GLY B 233 -13.85 0.98 5.73
C GLY B 233 -15.02 1.33 4.84
N ILE B 234 -14.70 1.87 3.68
CA ILE B 234 -15.72 2.20 2.69
C ILE B 234 -15.69 1.03 1.74
N GLU B 235 -16.85 0.64 1.22
CA GLU B 235 -16.94 -0.44 0.25
C GLU B 235 -17.66 0.09 -0.99
N ILE B 236 -17.04 -0.13 -2.16
CA ILE B 236 -17.64 0.23 -3.43
C ILE B 236 -17.90 -1.06 -4.19
N TYR B 237 -19.19 -1.37 -4.38
CA TYR B 237 -19.61 -2.57 -5.07
C TYR B 237 -20.00 -2.22 -6.50
N TRP B 238 -19.43 -2.93 -7.46
CA TRP B 238 -19.74 -2.75 -8.87
C TRP B 238 -20.37 -4.02 -9.41
N ASP B 239 -21.57 -3.91 -9.97
CA ASP B 239 -22.18 -5.08 -10.60
C ASP B 239 -22.62 -4.68 -12.00
N CYS B 240 -21.75 -4.98 -12.97
CA CYS B 240 -21.79 -4.35 -14.28
C CYS B 240 -22.18 -5.39 -15.33
N ASN B 241 -23.23 -5.09 -16.10
CA ASN B 241 -23.65 -5.94 -17.21
C ASN B 241 -23.12 -5.35 -18.51
N LEU B 242 -22.27 -6.09 -19.21
CA LEU B 242 -21.58 -5.58 -20.37
C LEU B 242 -22.30 -5.87 -21.69
N ASP B 243 -23.46 -6.51 -21.65
CA ASP B 243 -24.19 -6.81 -22.87
C ASP B 243 -24.70 -5.52 -23.51
N GLY B 244 -24.90 -5.58 -24.84
CA GLY B 244 -25.44 -4.42 -25.54
C GLY B 244 -26.77 -4.01 -24.97
N TRP B 245 -27.59 -5.00 -24.66
CA TRP B 245 -28.89 -4.76 -24.08
C TRP B 245 -28.81 -4.81 -22.57
N PHE B 246 -29.53 -3.87 -21.94
CA PHE B 246 -29.64 -3.77 -20.49
C PHE B 246 -28.23 -3.54 -19.94
N HIS B 247 -27.50 -2.62 -20.59
CA HIS B 247 -26.13 -2.32 -20.22
C HIS B 247 -26.13 -1.31 -19.08
N HIS B 248 -25.45 -1.63 -17.99
CA HIS B 248 -25.32 -0.64 -16.92
C HIS B 248 -24.16 -1.05 -16.05
N CYS B 249 -23.43 -0.06 -15.54
CA CYS B 249 -22.21 -0.33 -14.78
C CYS B 249 -22.03 0.80 -13.78
N ARG B 250 -22.61 0.62 -12.59
CA ARG B 250 -22.68 1.70 -11.62
C ARG B 250 -22.31 1.19 -10.23
N PRO B 251 -21.74 2.04 -9.39
CA PRO B 251 -21.29 1.60 -8.07
C PRO B 251 -22.31 1.85 -6.97
N LYS B 252 -22.12 1.14 -5.86
CA LYS B 252 -22.92 1.31 -4.66
C LYS B 252 -21.99 1.44 -3.47
N TYR B 253 -22.28 2.39 -2.57
CA TYR B 253 -21.39 2.70 -1.46
C TYR B 253 -21.95 2.15 -0.16
N SER B 254 -21.08 1.51 0.64
CA SER B 254 -21.48 1.04 1.96
C SER B 254 -20.31 1.29 2.89
N PHE B 255 -20.53 1.18 4.19
CA PHE B 255 -19.46 1.47 5.15
C PHE B 255 -19.57 0.53 6.35
N ARG B 256 -18.41 0.24 6.94
CA ARG B 256 -18.42 -0.55 8.17
C ARG B 256 -17.09 -0.42 8.91
N ARG B 257 -17.13 -0.83 10.17
CA ARG B 257 -16.00 -0.75 11.10
C ARG B 257 -15.16 -2.02 11.08
N LEU B 258 -13.90 -1.91 10.63
CA LEU B 258 -13.05 -3.09 10.66
C LEU B 258 -12.39 -3.31 12.01
N ASP B 259 -12.52 -2.36 12.93
CA ASP B 259 -11.98 -2.50 14.26
C ASP B 259 -12.95 -3.33 15.11
N ASP B 260 -12.39 -4.08 16.05
CA ASP B 260 -13.19 -4.99 16.86
C ASP B 260 -14.25 -4.24 17.66
N LYS B 261 -13.87 -3.09 18.24
CA LYS B 261 -14.72 -2.23 19.07
C LYS B 261 -15.11 -2.88 20.40
N THR B 262 -14.74 -4.14 20.63
CA THR B 262 -14.95 -4.77 21.92
C THR B 262 -13.69 -4.80 22.77
N THR B 263 -12.52 -4.74 22.15
CA THR B 263 -11.23 -4.66 22.83
C THR B 263 -11.01 -5.86 23.76
N SER B 264 -9.99 -5.75 24.62
CA SER B 264 -9.63 -6.84 25.51
C SER B 264 -8.63 -6.30 26.52
N GLU B 265 -8.47 -7.00 27.65
CA GLU B 265 -7.58 -6.44 28.65
C GLU B 265 -6.13 -6.62 28.23
N SER B 266 -5.83 -7.74 27.58
CA SER B 266 -4.48 -7.99 27.08
C SER B 266 -4.15 -7.07 25.90
N LEU B 267 -5.08 -6.92 24.97
CA LEU B 267 -4.88 -6.14 23.76
C LEU B 267 -5.18 -4.66 24.02
N TYR B 268 -5.26 -3.83 22.98
CA TYR B 268 -5.44 -2.39 23.26
C TYR B 268 -6.30 -1.85 22.15
N PRO B 269 -7.29 -1.03 22.45
CA PRO B 269 -8.18 -0.56 21.40
C PRO B 269 -7.57 0.60 20.61
N GLY B 270 -8.23 0.90 19.51
CA GLY B 270 -7.85 2.05 18.70
C GLY B 270 -6.76 1.63 17.74
N TYR B 271 -6.24 2.59 16.98
CA TYR B 271 -5.23 2.34 15.94
C TYR B 271 -4.21 3.45 16.15
N ASN B 272 -3.16 3.16 16.90
CA ASN B 272 -2.17 4.16 17.26
C ASN B 272 -0.77 3.69 16.88
N PHE B 273 0.11 4.67 16.63
CA PHE B 273 1.50 4.39 16.32
C PHE B 273 2.33 5.59 16.72
N ARG B 274 3.62 5.40 16.87
CA ARG B 274 4.49 6.50 17.23
C ARG B 274 5.28 6.95 16.00
N TYR B 275 5.40 8.27 15.83
CA TYR B 275 6.09 8.79 14.67
C TYR B 275 7.29 9.63 15.06
N ALA B 276 8.36 9.56 14.26
CA ALA B 276 9.59 10.24 14.61
C ALA B 276 9.92 11.42 13.71
N LYS B 277 10.47 12.46 14.33
CA LYS B 277 10.94 13.65 13.63
C LYS B 277 12.27 14.06 14.26
N TYR B 278 13.36 13.84 13.54
CA TYR B 278 14.70 14.05 14.07
C TYR B 278 15.19 15.47 13.75
N TYR B 279 16.05 15.98 14.62
CA TYR B 279 16.63 17.30 14.41
C TYR B 279 17.90 17.38 15.25
N LYS B 280 18.99 17.82 14.63
CA LYS B 280 20.25 17.98 15.32
C LYS B 280 20.40 19.43 15.79
N GLU B 281 20.78 19.60 17.05
CA GLU B 281 20.93 20.92 17.63
C GLU B 281 22.00 20.90 18.71
N ASN B 282 22.77 21.98 18.79
CA ASN B 282 23.84 22.13 19.78
C ASN B 282 24.84 20.98 19.69
N ASN B 283 25.07 20.50 18.47
CA ASN B 283 25.96 19.36 18.21
C ASN B 283 25.47 18.09 18.89
N VAL B 284 24.17 17.99 19.13
CA VAL B 284 23.54 16.82 19.72
C VAL B 284 22.37 16.40 18.84
N GLU B 285 22.03 15.13 18.90
CA GLU B 285 20.90 14.59 18.15
C GLU B 285 19.71 14.40 19.08
N LYS B 286 18.53 14.82 18.61
CA LYS B 286 17.33 14.76 19.44
C LYS B 286 16.13 14.59 18.53
N ARG B 287 15.13 13.84 18.99
CA ARG B 287 13.94 13.61 18.18
C ARG B 287 12.74 14.30 18.80
N THR B 288 11.61 14.21 18.11
CA THR B 288 10.36 14.81 18.55
C THR B 288 9.22 13.82 18.34
N LEU B 289 9.35 12.62 18.90
CA LEU B 289 8.45 11.55 18.48
C LEU B 289 7.10 11.82 19.11
N ILE B 290 6.04 11.52 18.38
CA ILE B 290 4.68 11.82 18.79
C ILE B 290 3.91 10.51 18.84
N LYS B 291 3.12 10.33 19.89
CA LYS B 291 2.15 9.24 19.93
C LYS B 291 0.97 9.65 19.07
N VAL B 292 0.61 8.83 18.07
CA VAL B 292 -0.43 9.23 17.14
C VAL B 292 -1.63 8.29 17.24
N PHE B 293 -2.82 8.86 17.45
CA PHE B 293 -4.09 8.16 17.31
C PHE B 293 -4.78 8.71 16.08
N GLY B 294 -5.11 7.83 15.13
CA GLY B 294 -5.76 8.31 13.94
C GLY B 294 -6.53 7.24 13.18
N ILE B 295 -7.66 7.62 12.63
CA ILE B 295 -8.60 6.63 12.11
C ILE B 295 -8.15 6.31 10.70
N ARG B 296 -7.54 5.14 10.52
CA ARG B 296 -7.08 4.79 9.19
C ARG B 296 -8.29 4.34 8.39
N PHE B 297 -8.42 4.86 7.17
CA PHE B 297 -9.49 4.46 6.28
C PHE B 297 -8.96 3.46 5.27
N ASP B 298 -9.76 2.43 4.98
CA ASP B 298 -9.40 1.41 4.01
C ASP B 298 -10.52 1.32 2.99
N ILE B 299 -10.23 1.74 1.76
CA ILE B 299 -11.24 1.66 0.72
C ILE B 299 -11.18 0.26 0.15
N LEU B 300 -12.32 -0.40 0.05
CA LEU B 300 -12.38 -1.76 -0.46
C LEU B 300 -13.32 -1.77 -1.65
N VAL B 301 -12.79 -2.07 -2.83
CA VAL B 301 -13.55 -1.91 -4.05
C VAL B 301 -13.61 -3.27 -4.70
N PHE B 302 -14.81 -3.75 -5.01
CA PHE B 302 -14.92 -5.05 -5.63
C PHE B 302 -16.15 -5.06 -6.52
N GLY B 303 -16.13 -5.95 -7.49
CA GLY B 303 -17.25 -6.04 -8.40
C GLY B 303 -17.04 -7.10 -9.46
N THR B 304 -18.09 -7.28 -10.25
CA THR B 304 -18.19 -8.38 -11.20
C THR B 304 -18.73 -7.81 -12.50
N GLY B 305 -18.40 -8.45 -13.60
CA GLY B 305 -18.87 -8.03 -14.91
C GLY B 305 -18.85 -9.19 -15.87
N GLY B 306 -19.94 -9.44 -16.60
CA GLY B 306 -19.99 -10.54 -17.51
C GLY B 306 -20.54 -10.13 -18.87
N LYS B 307 -20.62 -11.13 -19.75
CA LYS B 307 -20.76 -10.89 -21.18
C LYS B 307 -21.57 -12.06 -21.71
N PHE B 308 -21.63 -12.19 -23.03
CA PHE B 308 -22.47 -13.20 -23.64
C PHE B 308 -21.63 -14.31 -24.29
N ASN B 309 -20.64 -14.81 -23.56
CA ASN B 309 -19.88 -15.95 -24.04
C ASN B 309 -20.81 -17.14 -24.22
N VAL B 310 -20.88 -17.67 -25.44
CA VAL B 310 -21.86 -18.71 -25.73
C VAL B 310 -21.50 -20.07 -25.10
N ILE B 311 -20.23 -20.31 -24.75
CA ILE B 311 -19.82 -21.60 -24.19
C ILE B 311 -20.53 -21.85 -22.87
N GLN B 312 -20.69 -20.78 -22.07
CA GLN B 312 -21.32 -20.88 -20.76
C GLN B 312 -22.78 -21.24 -20.95
N LEU B 313 -23.34 -20.70 -22.02
CA LEU B 313 -24.77 -20.85 -22.29
C LEU B 313 -25.05 -22.28 -22.69
N ALA B 314 -24.18 -22.82 -23.53
CA ALA B 314 -24.19 -24.18 -24.07
C ALA B 314 -24.04 -25.16 -22.92
N VAL B 315 -23.06 -24.93 -22.04
CA VAL B 315 -22.83 -25.83 -20.91
C VAL B 315 -24.05 -25.87 -20.01
N TYR B 316 -24.61 -24.70 -19.67
CA TYR B 316 -25.76 -24.69 -18.76
C TYR B 316 -26.97 -25.38 -19.39
N ILE B 317 -27.16 -25.20 -20.70
CA ILE B 317 -28.37 -25.68 -21.33
C ILE B 317 -28.27 -27.19 -21.45
N GLY B 318 -27.06 -27.68 -21.78
CA GLY B 318 -26.85 -29.12 -21.79
C GLY B 318 -27.00 -29.72 -20.42
N SER B 319 -26.63 -28.97 -19.38
CA SER B 319 -26.76 -29.50 -18.04
C SER B 319 -28.22 -29.68 -17.66
N VAL B 320 -29.05 -28.72 -18.04
CA VAL B 320 -30.44 -28.61 -17.62
C VAL B 320 -31.32 -29.45 -18.54
N ILE B 321 -30.78 -29.91 -19.69
CA ILE B 321 -31.56 -30.79 -20.55
C ILE B 321 -31.93 -32.12 -19.85
N SER B 322 -31.17 -32.50 -18.82
CA SER B 322 -31.30 -33.81 -18.17
C SER B 322 -32.52 -33.75 -17.31
N TYR B 323 -32.91 -32.53 -16.89
CA TYR B 323 -34.17 -32.45 -16.18
C TYR B 323 -35.37 -32.63 -17.10
N PHE B 324 -35.33 -32.03 -18.28
CA PHE B 324 -36.35 -32.32 -19.28
C PHE B 324 -36.46 -33.82 -19.50
N GLY B 325 -35.35 -34.52 -19.57
CA GLY B 325 -35.50 -35.94 -19.82
C GLY B 325 -35.95 -36.71 -18.59
N LEU B 326 -35.53 -36.28 -17.39
CA LEU B 326 -35.93 -37.00 -16.19
C LEU B 326 -37.42 -36.81 -15.90
N ALA B 327 -37.99 -35.66 -16.27
CA ALA B 327 -39.42 -35.46 -16.09
C ALA B 327 -40.22 -36.49 -16.87
N THR B 328 -39.81 -36.77 -18.12
CA THR B 328 -40.44 -37.84 -18.87
C THR B 328 -40.08 -39.20 -18.29
N VAL B 329 -38.89 -39.33 -17.69
CA VAL B 329 -38.50 -40.60 -17.09
C VAL B 329 -39.43 -40.95 -15.94
N PHE B 330 -39.76 -39.98 -15.12
CA PHE B 330 -40.60 -40.24 -13.97
C PHE B 330 -42.07 -39.91 -14.28
N TRP C 11 -23.51 -54.86 -13.56
CA TRP C 11 -24.27 -53.97 -12.69
C TRP C 11 -23.39 -53.31 -11.64
N ILE C 12 -22.12 -53.73 -11.61
CA ILE C 12 -21.19 -53.19 -10.62
C ILE C 12 -20.90 -51.74 -10.91
N PHE C 13 -20.74 -51.39 -12.19
CA PHE C 13 -20.53 -50.01 -12.58
C PHE C 13 -21.73 -49.14 -12.26
N HIS C 14 -22.91 -49.76 -12.11
CA HIS C 14 -24.08 -48.95 -11.82
C HIS C 14 -23.99 -48.31 -10.44
N ALA C 15 -23.44 -49.03 -9.45
CA ALA C 15 -23.09 -48.47 -8.15
C ALA C 15 -21.74 -47.74 -8.14
N LEU C 16 -20.76 -48.20 -8.92
CA LEU C 16 -19.46 -47.53 -8.93
C LEU C 16 -19.58 -46.08 -9.35
N VAL C 17 -20.43 -45.79 -10.36
CA VAL C 17 -20.60 -44.41 -10.80
C VAL C 17 -21.18 -43.55 -9.69
N PHE C 18 -22.18 -44.07 -9.00
CA PHE C 18 -22.82 -43.37 -7.88
C PHE C 18 -21.81 -43.10 -6.79
N SER C 19 -21.00 -44.10 -6.44
CA SER C 19 -19.95 -43.87 -5.46
C SER C 19 -18.98 -42.79 -5.91
N TYR C 20 -18.71 -42.72 -7.21
CA TYR C 20 -17.72 -41.72 -7.63
C TYR C 20 -18.32 -40.33 -7.56
N ILE C 21 -19.61 -40.21 -7.92
CA ILE C 21 -20.23 -38.89 -7.88
C ILE C 21 -20.39 -38.41 -6.44
N SER C 22 -20.84 -39.30 -5.55
CA SER C 22 -20.89 -38.97 -4.12
C SER C 22 -19.52 -38.52 -3.61
N PHE C 23 -18.46 -39.26 -3.96
CA PHE C 23 -17.12 -38.90 -3.51
C PHE C 23 -16.72 -37.51 -3.99
N ALA C 24 -16.96 -37.23 -5.27
CA ALA C 24 -16.60 -35.91 -5.79
C ALA C 24 -17.44 -34.81 -5.15
N LEU C 25 -18.72 -35.08 -4.90
CA LEU C 25 -19.56 -34.02 -4.34
C LEU C 25 -19.15 -33.71 -2.91
N ILE C 26 -18.82 -34.73 -2.13
CA ILE C 26 -18.43 -34.52 -0.75
C ILE C 26 -17.05 -33.90 -0.67
N SER C 27 -16.09 -34.39 -1.48
CA SER C 27 -14.73 -33.87 -1.41
C SER C 27 -14.62 -32.44 -1.96
N ASP C 28 -14.92 -32.25 -3.25
CA ASP C 28 -14.65 -30.93 -3.84
C ASP C 28 -15.62 -29.84 -3.37
N LYS C 29 -16.69 -30.22 -2.68
CA LYS C 29 -17.75 -29.31 -2.24
C LYS C 29 -18.37 -28.56 -3.43
N ARG C 30 -18.91 -29.35 -4.37
CA ARG C 30 -19.48 -28.73 -5.57
C ARG C 30 -20.78 -28.03 -5.24
N TYR C 31 -21.49 -28.50 -4.22
CA TYR C 31 -22.75 -27.90 -3.80
C TYR C 31 -22.57 -26.61 -3.03
N GLN C 32 -21.36 -26.05 -3.04
CA GLN C 32 -21.05 -24.79 -2.38
C GLN C 32 -20.63 -23.75 -3.42
N LYS C 33 -21.20 -22.55 -3.34
CA LYS C 33 -20.88 -21.44 -4.21
C LYS C 33 -19.78 -20.62 -3.51
N LYS C 34 -18.58 -20.67 -4.07
CA LYS C 34 -17.39 -19.95 -3.59
C LYS C 34 -17.47 -18.43 -3.93
N GLU C 35 -16.82 -17.57 -3.12
CA GLU C 35 -16.76 -16.10 -3.21
C GLU C 35 -15.32 -15.56 -2.99
N PRO C 36 -14.55 -14.53 -3.82
CA PRO C 36 -13.54 -13.82 -3.15
C PRO C 36 -13.41 -13.86 -1.65
N LEU C 37 -12.25 -13.45 -1.26
CA LEU C 37 -12.03 -12.67 -0.03
C LEU C 37 -11.75 -11.15 -0.14
N ILE C 38 -12.24 -10.38 0.87
CA ILE C 38 -11.90 -8.96 1.07
C ILE C 38 -11.30 -8.75 2.47
N SER C 39 -10.08 -8.22 2.56
CA SER C 39 -9.35 -8.29 3.82
C SER C 39 -8.78 -6.93 4.21
N SER C 40 -8.58 -6.78 5.52
CA SER C 40 -7.91 -5.62 6.08
C SER C 40 -6.94 -6.12 7.15
N VAL C 41 -5.71 -5.63 7.10
CA VAL C 41 -4.62 -6.09 7.95
C VAL C 41 -4.21 -4.96 8.88
N HIS C 42 -4.16 -5.28 10.17
CA HIS C 42 -3.57 -4.47 11.23
C HIS C 42 -2.35 -5.18 11.81
N THR C 43 -1.28 -4.45 12.07
CA THR C 43 0.02 -5.04 12.36
C THR C 43 0.72 -4.14 13.35
N LYS C 44 1.35 -4.77 14.33
CA LYS C 44 2.12 -4.11 15.36
C LYS C 44 3.43 -4.88 15.51
N VAL C 45 4.54 -4.15 15.41
CA VAL C 45 5.87 -4.68 15.63
C VAL C 45 6.39 -4.07 16.92
N LYS C 46 6.84 -4.91 17.83
CA LYS C 46 7.27 -4.44 19.13
C LYS C 46 8.70 -4.85 19.39
N GLY C 47 9.23 -4.40 20.51
CA GLY C 47 10.58 -4.74 20.91
C GLY C 47 11.57 -3.65 20.54
N ILE C 48 12.74 -3.73 21.17
CA ILE C 48 13.80 -2.75 20.97
C ILE C 48 15.09 -3.47 20.62
N ALA C 49 16.05 -2.71 20.10
CA ALA C 49 17.36 -3.24 19.77
C ALA C 49 18.42 -2.25 20.27
N GLU C 50 19.65 -2.74 20.36
CA GLU C 50 20.78 -2.04 20.95
C GLU C 50 21.95 -2.30 20.04
N VAL C 51 22.64 -1.23 19.66
CA VAL C 51 23.72 -1.27 18.70
C VAL C 51 25.00 -0.85 19.42
N LYS C 52 26.05 -1.66 19.28
CA LYS C 52 27.37 -1.26 19.78
C LYS C 52 28.41 -2.00 18.94
N ALA C 53 29.18 -1.25 18.17
CA ALA C 53 30.04 -1.80 17.12
C ALA C 53 30.90 -0.66 16.61
N GLU C 54 31.71 -0.96 15.59
CA GLU C 54 32.76 -0.11 15.08
C GLU C 54 32.67 -0.19 13.57
N ILE C 55 32.82 0.97 12.94
CA ILE C 55 32.67 1.13 11.51
C ILE C 55 33.92 1.83 10.98
N LEU C 56 34.23 1.54 9.72
CA LEU C 56 35.27 2.25 8.98
C LEU C 56 34.68 3.24 7.97
N GLU C 57 34.44 4.49 8.36
CA GLU C 57 33.92 5.44 7.38
C GLU C 57 35.01 6.33 6.77
N ASN C 58 35.13 6.37 5.42
CA ASN C 58 36.15 7.24 4.83
C ASN C 58 37.56 6.89 5.28
N GLY C 59 37.76 5.67 5.74
CA GLY C 59 39.08 5.24 6.12
C GLY C 59 39.39 5.54 7.55
N MET C 60 38.37 5.97 8.30
CA MET C 60 38.53 6.35 9.69
C MET C 60 37.63 5.51 10.59
N LYS C 61 38.22 4.94 11.64
CA LYS C 61 37.44 4.17 12.60
C LYS C 61 36.52 5.06 13.45
N LYS C 62 35.34 4.54 13.77
CA LYS C 62 34.33 5.25 14.56
C LYS C 62 33.52 4.20 15.29
N MET C 63 32.97 4.60 16.43
CA MET C 63 32.19 3.73 17.29
C MET C 63 30.72 4.12 17.20
N VAL C 64 29.88 3.16 16.85
CA VAL C 64 28.43 3.38 16.76
C VAL C 64 27.80 2.70 17.98
N SER C 65 27.31 3.51 18.91
CA SER C 65 26.58 2.98 20.07
C SER C 65 25.27 3.71 20.28
N GLY C 66 24.25 2.99 20.71
CA GLY C 66 22.93 3.53 20.86
C GLY C 66 21.87 2.44 20.97
N VAL C 67 20.62 2.91 20.99
CA VAL C 67 19.44 2.07 21.10
C VAL C 67 18.39 2.53 20.09
N PHE C 68 17.73 1.58 19.45
CA PHE C 68 16.69 1.87 18.47
C PHE C 68 15.38 1.26 18.96
N ASP C 69 14.35 2.09 19.04
CA ASP C 69 13.02 1.68 19.47
C ASP C 69 12.05 1.84 18.30
N THR C 70 10.75 1.73 18.60
CA THR C 70 9.74 1.49 17.57
C THR C 70 9.59 2.69 16.66
N ALA C 71 10.10 3.83 17.08
CA ALA C 71 10.13 5.01 16.25
C ALA C 71 11.32 5.04 15.31
N ASP C 72 12.27 4.12 15.45
CA ASP C 72 13.50 4.16 14.66
C ASP C 72 13.59 3.09 13.60
N TYR C 73 13.30 1.83 13.94
CA TYR C 73 13.58 0.71 13.06
C TYR C 73 12.43 0.36 12.14
N THR C 74 11.54 1.29 11.83
CA THR C 74 10.43 0.99 10.93
C THR C 74 9.90 2.30 10.35
N PHE C 75 8.76 2.19 9.67
CA PHE C 75 8.07 3.30 9.03
C PHE C 75 6.59 3.06 9.13
N PRO C 76 5.74 4.07 9.03
CA PRO C 76 4.30 3.88 9.08
C PRO C 76 3.82 2.83 8.06
N LEU C 77 2.80 2.07 8.48
CA LEU C 77 2.39 0.86 7.76
C LEU C 77 1.98 1.19 6.34
N GLN C 78 2.41 0.35 5.40
CA GLN C 78 2.15 0.60 3.98
C GLN C 78 1.18 -0.47 3.50
N GLY C 79 -0.10 -0.23 3.71
CA GLY C 79 -1.10 -1.21 3.28
C GLY C 79 -0.93 -2.51 4.04
N ASN C 80 -0.95 -3.65 3.33
CA ASN C 80 -0.79 -4.95 4.01
C ASN C 80 0.68 -5.33 3.93
N SER C 81 1.47 -4.79 4.84
CA SER C 81 2.92 -4.95 4.83
C SER C 81 3.45 -4.17 6.01
N PHE C 82 4.70 -4.45 6.35
CA PHE C 82 5.46 -3.70 7.35
C PHE C 82 6.94 -3.97 7.12
N PHE C 83 7.75 -2.99 7.52
CA PHE C 83 9.19 -2.98 7.26
C PHE C 83 9.95 -2.91 8.58
N VAL C 84 11.14 -3.52 8.59
CA VAL C 84 11.97 -3.57 9.79
C VAL C 84 13.40 -3.18 9.44
N MET C 85 13.99 -2.28 10.23
CA MET C 85 15.37 -1.92 9.98
C MET C 85 16.26 -3.15 10.17
N THR C 86 17.27 -3.25 9.36
CA THR C 86 18.24 -4.33 9.54
C THR C 86 19.68 -3.85 9.50
N ASN C 87 20.03 -2.98 8.56
CA ASN C 87 21.39 -2.46 8.49
C ASN C 87 21.36 -1.09 7.81
N PHE C 88 22.38 -0.28 8.07
CA PHE C 88 22.38 1.04 7.47
C PHE C 88 23.81 1.56 7.33
N ILE C 89 24.00 2.41 6.32
CA ILE C 89 25.23 3.16 6.11
C ILE C 89 24.90 4.64 6.15
N LYS C 90 25.53 5.38 7.08
CA LYS C 90 25.18 6.77 7.33
C LYS C 90 26.21 7.71 6.72
N THR C 91 25.73 8.82 6.14
CA THR C 91 26.59 9.85 5.56
C THR C 91 25.98 11.18 5.93
N GLU C 92 26.71 11.96 6.71
CA GLU C 92 26.18 13.20 7.27
C GLU C 92 26.75 14.42 6.55
N GLY C 93 25.99 15.52 6.59
CA GLY C 93 26.49 16.79 6.12
C GLY C 93 26.82 16.83 4.64
N GLN C 94 25.81 16.70 3.80
CA GLN C 94 25.97 16.70 2.35
C GLN C 94 25.35 17.96 1.77
N GLN C 95 26.17 18.85 1.20
CA GLN C 95 25.66 20.09 0.66
C GLN C 95 25.80 20.06 -0.85
N GLN C 96 24.86 20.69 -1.53
CA GLN C 96 24.96 20.75 -2.99
C GLN C 96 26.23 21.48 -3.43
N GLY C 97 27.04 20.83 -4.25
CA GLY C 97 28.13 21.54 -4.89
C GLY C 97 28.89 20.64 -5.83
N LEU C 98 30.02 21.12 -6.32
CA LEU C 98 30.83 20.29 -7.22
C LEU C 98 32.03 19.71 -6.49
N CYS C 99 32.26 18.40 -6.66
CA CYS C 99 33.14 17.65 -5.78
C CYS C 99 33.46 16.35 -6.48
N PRO C 100 34.68 15.85 -6.37
CA PRO C 100 34.99 14.55 -6.97
C PRO C 100 34.19 13.44 -6.32
N ASP C 101 33.87 12.43 -7.13
CA ASP C 101 33.02 11.34 -6.64
C ASP C 101 33.88 10.19 -6.09
N PHE C 102 33.24 9.07 -5.79
CA PHE C 102 33.97 7.87 -5.34
C PHE C 102 34.79 7.24 -6.47
N PRO C 103 36.09 6.93 -6.24
CA PRO C 103 36.95 6.43 -7.31
C PRO C 103 36.68 4.96 -7.58
N THR C 104 35.98 4.70 -8.68
CA THR C 104 35.77 3.33 -9.14
C THR C 104 36.46 3.13 -10.49
N ALA C 105 36.24 1.97 -11.11
CA ALA C 105 36.83 1.71 -12.41
C ALA C 105 36.26 2.62 -13.50
N ARG C 106 35.03 3.06 -13.32
CA ARG C 106 34.45 3.85 -14.41
C ARG C 106 34.61 5.32 -14.16
N THR C 107 35.16 5.68 -13.00
CA THR C 107 35.30 7.09 -12.65
C THR C 107 36.75 7.59 -12.60
N ILE C 108 37.73 6.70 -12.43
CA ILE C 108 39.13 7.11 -12.52
C ILE C 108 39.50 7.66 -13.90
N CYS C 109 40.29 8.74 -13.91
CA CYS C 109 40.69 9.47 -15.09
C CYS C 109 42.11 9.93 -14.86
N SER C 110 42.85 10.06 -15.96
CA SER C 110 44.18 10.64 -15.94
C SER C 110 44.25 11.97 -16.67
N SER C 111 43.25 12.30 -17.48
CA SER C 111 43.20 13.61 -18.11
C SER C 111 41.76 14.09 -18.15
N ASP C 112 41.59 15.40 -18.30
CA ASP C 112 40.25 15.99 -18.40
C ASP C 112 39.47 15.38 -19.57
N ARG C 113 40.16 15.02 -20.65
CA ARG C 113 39.53 14.36 -21.80
C ARG C 113 38.92 13.01 -21.46
N GLY C 114 39.30 12.39 -20.34
CA GLY C 114 38.80 11.06 -20.02
C GLY C 114 37.30 11.00 -19.82
N CYS C 115 36.74 11.97 -19.07
CA CYS C 115 35.29 12.15 -18.90
C CYS C 115 34.83 13.42 -19.61
N LYS C 116 33.70 13.30 -20.31
CA LYS C 116 33.01 14.40 -20.97
C LYS C 116 31.93 15.02 -20.08
N LYS C 117 31.91 16.36 -20.04
CA LYS C 117 30.90 17.08 -19.29
C LYS C 117 29.49 16.73 -19.75
N GLY C 118 28.57 16.61 -18.80
CA GLY C 118 27.21 16.26 -19.16
C GLY C 118 26.93 14.78 -19.33
N ARG C 119 27.94 13.93 -19.17
CA ARG C 119 27.74 12.49 -19.28
C ARG C 119 27.27 11.96 -17.92
N MET C 120 26.28 11.06 -17.95
CA MET C 120 25.47 10.60 -16.83
C MET C 120 25.58 9.10 -16.96
N ASP C 121 26.71 8.59 -16.46
CA ASP C 121 26.89 7.16 -16.35
C ASP C 121 25.88 6.64 -15.34
N PRO C 122 25.09 5.65 -15.68
CA PRO C 122 24.09 5.10 -14.74
C PRO C 122 24.67 4.36 -13.53
N GLN C 123 25.70 4.93 -12.92
CA GLN C 123 26.29 4.40 -11.69
C GLN C 123 27.06 5.58 -11.11
N SER C 124 26.35 6.60 -10.64
CA SER C 124 26.91 7.78 -10.02
C SER C 124 25.74 8.52 -9.36
N LYS C 125 26.13 9.57 -8.64
CA LYS C 125 25.21 10.56 -8.15
C LYS C 125 25.78 11.93 -8.50
N GLY C 126 25.18 12.57 -9.48
CA GLY C 126 25.54 13.90 -9.95
C GLY C 126 25.93 13.89 -11.42
N ILE C 127 26.16 15.09 -11.92
CA ILE C 127 26.61 15.28 -13.30
C ILE C 127 28.04 15.82 -13.32
N GLN C 128 28.92 15.21 -14.13
CA GLN C 128 30.30 15.66 -14.11
C GLN C 128 30.42 16.94 -14.93
N THR C 129 31.38 17.77 -14.57
CA THR C 129 31.85 18.93 -15.33
C THR C 129 33.08 18.68 -16.20
N GLY C 130 33.86 17.59 -16.02
CA GLY C 130 35.00 17.40 -16.89
C GLY C 130 36.26 18.12 -16.45
N ARG C 131 36.60 17.93 -15.17
CA ARG C 131 37.82 18.48 -14.56
C ARG C 131 38.41 17.42 -13.63
N CYS C 132 39.30 16.59 -14.17
CA CYS C 132 39.91 15.50 -13.42
C CYS C 132 40.93 16.04 -12.43
N VAL C 133 40.49 16.20 -11.18
CA VAL C 133 41.31 16.74 -10.11
C VAL C 133 41.56 15.61 -9.11
N VAL C 134 42.56 15.83 -8.25
CA VAL C 134 42.86 14.83 -7.24
C VAL C 134 41.80 14.89 -6.13
N TYR C 135 41.58 13.76 -5.49
CA TYR C 135 40.53 13.48 -4.51
C TYR C 135 41.16 12.99 -3.24
N LYS C 136 41.98 11.94 -3.31
CA LYS C 136 42.67 11.41 -2.15
C LYS C 136 43.76 10.45 -2.60
N GLU C 137 44.91 10.53 -1.93
CA GLU C 137 46.14 9.78 -2.25
C GLU C 137 46.41 9.79 -3.76
N ARG C 138 46.63 10.98 -4.27
CA ARG C 138 46.86 11.26 -5.68
C ARG C 138 45.97 10.44 -6.60
N LEU C 139 44.66 10.40 -6.31
CA LEU C 139 43.73 9.65 -7.17
C LEU C 139 42.92 10.63 -8.04
N LYS C 140 43.17 10.66 -9.34
CA LYS C 140 42.52 11.69 -10.15
C LYS C 140 41.11 11.27 -10.61
N THR C 141 40.09 12.02 -10.18
CA THR C 141 38.73 11.82 -10.68
C THR C 141 38.12 13.17 -11.00
N CYS C 142 37.10 13.20 -11.88
CA CYS C 142 36.57 14.48 -12.33
C CYS C 142 35.29 14.76 -11.58
N GLU C 143 35.20 15.97 -11.01
CA GLU C 143 34.15 16.28 -10.07
C GLU C 143 32.79 16.37 -10.76
N VAL C 144 31.78 15.93 -10.02
CA VAL C 144 30.38 16.00 -10.41
C VAL C 144 29.67 16.98 -9.47
N SER C 145 28.55 17.50 -9.97
CA SER C 145 27.66 18.40 -9.24
C SER C 145 26.61 17.57 -8.51
N ALA C 146 26.75 17.44 -7.20
CA ALA C 146 25.87 16.60 -6.38
C ALA C 146 26.05 16.98 -4.92
N TRP C 147 25.49 16.15 -4.03
CA TRP C 147 25.70 16.34 -2.60
C TRP C 147 27.12 15.93 -2.24
N CYS C 148 27.84 16.81 -1.55
CA CYS C 148 29.16 16.51 -1.04
C CYS C 148 29.18 16.37 0.47
N PRO C 149 29.97 15.44 1.02
CA PRO C 149 30.85 14.48 0.32
C PRO C 149 30.06 13.37 -0.35
N ILE C 150 30.53 12.87 -1.49
CA ILE C 150 29.81 11.83 -2.20
C ILE C 150 29.80 10.55 -1.39
N GLU C 151 28.64 9.91 -1.31
CA GLU C 151 28.49 8.68 -0.55
C GLU C 151 29.43 7.59 -1.02
N GLU C 152 30.42 7.25 -0.20
CA GLU C 152 31.38 6.22 -0.56
C GLU C 152 30.71 4.86 -0.80
N VAL C 153 31.03 4.20 -1.91
CA VAL C 153 30.35 2.95 -2.18
C VAL C 153 31.04 1.84 -1.39
N LYS C 154 30.34 1.27 -0.40
CA LYS C 154 30.95 0.26 0.45
C LYS C 154 29.92 -0.81 0.82
N ASP C 155 30.42 -2.01 1.11
CA ASP C 155 29.50 -3.07 1.52
C ASP C 155 29.04 -2.84 2.96
N ALA C 156 27.87 -3.41 3.28
CA ALA C 156 27.35 -3.43 4.63
C ALA C 156 28.30 -4.18 5.56
N PRO C 157 28.41 -3.73 6.82
CA PRO C 157 29.28 -4.43 7.78
C PRO C 157 28.95 -5.91 7.91
N ARG C 158 30.00 -6.74 8.08
CA ARG C 158 29.81 -8.19 8.17
C ARG C 158 28.95 -8.63 9.35
N PRO C 159 29.22 -8.24 10.61
CA PRO C 159 28.22 -8.36 11.68
C PRO C 159 27.07 -7.38 11.47
N ALA C 160 25.87 -7.90 11.21
CA ALA C 160 24.71 -7.03 11.03
C ALA C 160 24.48 -6.17 12.27
N LEU C 161 24.29 -4.87 12.05
CA LEU C 161 24.14 -3.93 13.17
C LEU C 161 22.98 -4.32 14.07
N LEU C 162 21.82 -4.59 13.48
CA LEU C 162 20.64 -5.02 14.24
C LEU C 162 20.47 -6.54 14.16
N ASN C 163 21.47 -7.25 14.68
CA ASN C 163 21.40 -8.70 14.75
C ASN C 163 20.38 -9.13 15.78
N SER C 164 20.05 -8.23 16.72
CA SER C 164 19.03 -8.51 17.71
C SER C 164 17.61 -8.40 17.16
N ALA C 165 17.46 -7.97 15.89
CA ALA C 165 16.12 -7.73 15.35
C ALA C 165 15.33 -9.01 15.21
N GLU C 166 16.03 -10.16 15.15
CA GLU C 166 15.34 -11.44 15.13
C GLU C 166 14.57 -11.70 16.41
N ASN C 167 14.83 -10.97 17.49
CA ASN C 167 14.11 -11.18 18.73
C ASN C 167 12.82 -10.38 18.81
N PHE C 168 12.45 -9.69 17.73
CA PHE C 168 11.24 -8.86 17.73
C PHE C 168 10.00 -9.73 17.60
N THR C 169 8.87 -9.17 18.03
CA THR C 169 7.58 -9.81 17.93
C THR C 169 6.64 -8.99 17.07
N VAL C 170 5.69 -9.66 16.43
CA VAL C 170 4.71 -9.00 15.57
C VAL C 170 3.36 -9.65 15.77
N LEU C 171 2.34 -8.82 15.96
CA LEU C 171 0.97 -9.19 16.23
C LEU C 171 0.19 -8.75 15.00
N ILE C 172 -0.58 -9.67 14.46
CA ILE C 172 -1.31 -9.48 13.22
C ILE C 172 -2.79 -9.71 13.49
N LYS C 173 -3.62 -8.74 13.11
CA LYS C 173 -5.07 -8.86 13.20
C LYS C 173 -5.64 -8.80 11.79
N ASN C 174 -6.29 -9.88 11.37
CA ASN C 174 -6.83 -9.96 10.02
C ASN C 174 -8.33 -9.95 10.13
N ASN C 175 -8.98 -9.11 9.32
CA ASN C 175 -10.43 -9.03 9.29
C ASN C 175 -10.87 -9.24 7.84
N ILE C 176 -11.40 -10.43 7.56
CA ILE C 176 -11.79 -10.77 6.20
C ILE C 176 -13.30 -10.64 6.07
N ASP C 177 -13.74 -10.50 4.82
CA ASP C 177 -15.14 -10.33 4.48
C ASP C 177 -15.47 -11.28 3.34
N PHE C 178 -16.75 -11.64 3.27
CA PHE C 178 -17.33 -12.38 2.16
C PHE C 178 -18.54 -11.61 1.67
N PRO C 179 -18.35 -10.61 0.81
CA PRO C 179 -19.46 -9.74 0.45
C PRO C 179 -20.64 -10.45 -0.19
N GLY C 180 -20.43 -11.62 -0.83
CA GLY C 180 -21.55 -12.37 -1.40
C GLY C 180 -22.56 -12.78 -0.35
N HIS C 181 -22.05 -13.16 0.81
CA HIS C 181 -22.86 -13.53 1.96
C HIS C 181 -22.82 -12.38 2.95
N ASN C 182 -23.45 -12.60 4.10
CA ASN C 182 -23.35 -11.65 5.20
C ASN C 182 -22.38 -12.19 6.24
N TYR C 183 -21.10 -12.13 5.89
CA TYR C 183 -20.05 -12.66 6.77
C TYR C 183 -18.86 -11.73 6.77
N THR C 184 -18.49 -11.27 7.95
CA THR C 184 -17.22 -10.58 8.19
C THR C 184 -16.66 -11.05 9.53
N THR C 185 -15.41 -11.50 9.52
CA THR C 185 -14.84 -12.20 10.66
C THR C 185 -13.42 -11.71 10.86
N ARG C 186 -12.91 -11.96 12.06
CA ARG C 186 -11.60 -11.52 12.51
C ARG C 186 -10.66 -12.71 12.67
N ASN C 187 -9.38 -12.40 12.86
CA ASN C 187 -8.36 -13.44 13.04
C ASN C 187 -8.37 -13.98 14.47
N ILE C 188 -8.60 -13.12 15.45
CA ILE C 188 -8.54 -13.48 16.87
C ILE C 188 -9.96 -13.52 17.43
N LEU C 189 -10.34 -14.68 17.94
CA LEU C 189 -11.56 -14.90 18.68
C LEU C 189 -11.51 -14.28 20.08
N PRO C 190 -12.67 -13.85 20.58
CA PRO C 190 -12.71 -13.20 21.90
C PRO C 190 -12.48 -14.23 22.99
N GLY C 191 -11.95 -13.75 24.11
CA GLY C 191 -11.65 -14.65 25.20
C GLY C 191 -10.55 -15.63 24.89
N VAL C 192 -9.51 -15.19 24.17
CA VAL C 192 -8.39 -16.05 23.80
C VAL C 192 -7.11 -15.46 24.38
N ASN C 193 -6.25 -16.33 24.97
CA ASN C 193 -5.05 -15.79 25.58
C ASN C 193 -4.15 -15.10 24.57
N ILE C 194 -3.58 -13.96 24.96
CA ILE C 194 -2.59 -13.28 24.12
C ILE C 194 -1.16 -13.52 24.62
N THR C 195 -0.98 -13.95 25.87
CA THR C 195 0.36 -14.25 26.36
C THR C 195 0.80 -15.61 25.83
N CYS C 196 1.54 -15.61 24.73
CA CYS C 196 1.81 -16.82 23.96
C CYS C 196 2.76 -16.45 22.81
N THR C 197 3.19 -17.48 22.10
CA THR C 197 3.99 -17.33 20.88
C THR C 197 3.50 -18.35 19.87
N PHE C 198 3.75 -18.04 18.60
CA PHE C 198 3.32 -18.92 17.52
C PHE C 198 4.22 -20.15 17.41
N HIS C 199 3.59 -21.28 17.14
CA HIS C 199 4.28 -22.53 16.86
C HIS C 199 3.30 -23.47 16.18
N LYS C 200 3.73 -24.12 15.11
CA LYS C 200 2.82 -24.92 14.29
C LYS C 200 2.13 -26.01 15.09
N THR C 201 2.86 -26.65 16.01
CA THR C 201 2.33 -27.73 16.83
C THR C 201 1.81 -27.24 18.18
N GLN C 202 2.53 -26.32 18.82
CA GLN C 202 2.13 -25.88 20.15
C GLN C 202 0.88 -25.01 20.09
N ASN C 203 0.76 -24.18 19.08
CA ASN C 203 -0.36 -23.24 19.10
C ASN C 203 -0.41 -22.48 17.78
N PRO C 204 -1.07 -23.06 16.78
CA PRO C 204 -1.14 -22.43 15.46
C PRO C 204 -2.20 -21.35 15.34
N GLN C 205 -2.86 -20.97 16.44
CA GLN C 205 -3.82 -19.88 16.39
C GLN C 205 -3.28 -18.56 16.93
N CYS C 206 -2.17 -18.60 17.64
CA CYS C 206 -1.62 -17.40 18.25
C CYS C 206 -0.99 -16.54 17.17
N PRO C 207 -1.38 -15.27 17.03
CA PRO C 207 -0.87 -14.47 15.91
C PRO C 207 0.52 -13.91 16.16
N ILE C 208 1.01 -13.97 17.40
CA ILE C 208 2.27 -13.33 17.72
C ILE C 208 3.40 -14.12 17.04
N PHE C 209 4.06 -13.50 16.06
CA PHE C 209 5.12 -14.20 15.32
C PHE C 209 6.48 -13.69 15.74
N ARG C 210 7.46 -14.59 15.82
CA ARG C 210 8.80 -14.23 16.24
C ARG C 210 9.64 -14.25 14.98
N LEU C 211 10.34 -13.14 14.73
CA LEU C 211 11.06 -13.01 13.46
C LEU C 211 12.10 -14.13 13.27
N GLY C 212 12.87 -14.42 14.32
CA GLY C 212 13.71 -15.62 14.40
C GLY C 212 12.99 -16.90 14.03
N ASP C 213 11.74 -17.03 14.46
CA ASP C 213 10.95 -18.21 14.23
C ASP C 213 10.50 -18.29 12.78
N ILE C 214 9.88 -17.21 12.27
CA ILE C 214 9.46 -17.20 10.88
C ILE C 214 10.65 -17.46 9.94
N PHE C 215 11.82 -16.92 10.27
CA PHE C 215 12.96 -17.12 9.37
C PHE C 215 13.50 -18.55 9.47
N GLN C 216 13.48 -19.13 10.67
CA GLN C 216 14.03 -20.47 10.81
C GLN C 216 13.10 -21.56 10.29
N GLU C 217 11.78 -21.31 10.29
CA GLU C 217 10.84 -22.30 9.75
C GLU C 217 11.08 -22.52 8.27
N THR C 218 11.24 -21.44 7.51
CA THR C 218 11.61 -21.58 6.10
C THR C 218 12.99 -22.22 5.90
N GLY C 219 13.92 -22.05 6.83
CA GLY C 219 15.18 -22.76 6.73
C GLY C 219 16.32 -21.88 6.38
N ASP C 220 16.14 -20.56 6.55
CA ASP C 220 17.14 -19.54 6.25
C ASP C 220 17.59 -18.87 7.55
N SER C 221 18.90 -18.79 7.69
CA SER C 221 19.55 -18.32 8.89
C SER C 221 19.41 -16.80 8.86
N PHE C 222 19.00 -16.21 9.98
CA PHE C 222 18.69 -14.79 9.94
C PHE C 222 19.92 -13.93 9.68
N SER C 223 21.06 -14.29 10.27
CA SER C 223 22.27 -13.50 10.18
C SER C 223 22.69 -13.32 8.72
N ASP C 224 22.55 -14.39 7.90
CA ASP C 224 23.06 -14.33 6.54
C ASP C 224 22.29 -13.32 5.71
N VAL C 225 20.98 -13.41 5.82
CA VAL C 225 20.06 -12.53 5.13
C VAL C 225 19.96 -11.11 5.75
N ALA C 226 20.28 -10.90 7.03
CA ALA C 226 20.39 -9.57 7.63
C ALA C 226 21.46 -8.66 7.01
N ILE C 227 22.43 -9.19 6.26
CA ILE C 227 23.43 -8.32 5.64
C ILE C 227 22.78 -7.39 4.63
N GLN C 228 21.96 -7.95 3.75
CA GLN C 228 21.29 -7.12 2.75
C GLN C 228 19.77 -7.12 2.84
N GLY C 229 19.19 -7.87 3.75
CA GLY C 229 17.75 -7.94 3.88
C GLY C 229 17.15 -8.91 2.88
N GLY C 230 15.83 -8.83 2.78
CA GLY C 230 15.11 -9.56 1.76
C GLY C 230 13.63 -9.24 1.86
N ILE C 231 12.83 -10.02 1.13
CA ILE C 231 11.38 -9.91 1.20
C ILE C 231 10.81 -11.17 1.80
N MET C 232 10.09 -11.03 2.91
CA MET C 232 9.48 -12.17 3.57
C MET C 232 7.99 -12.16 3.29
N GLY C 233 7.38 -13.35 3.18
CA GLY C 233 5.94 -13.36 3.27
C GLY C 233 5.30 -14.28 4.29
N ILE C 234 4.33 -13.73 5.00
CA ILE C 234 3.41 -14.57 5.76
C ILE C 234 2.19 -14.85 4.90
N GLU C 235 1.61 -16.05 5.00
CA GLU C 235 0.39 -16.38 4.30
C GLU C 235 -0.66 -16.86 5.30
N ILE C 236 -1.83 -16.27 5.23
CA ILE C 236 -2.98 -16.66 6.03
C ILE C 236 -4.04 -17.19 5.07
N TYR C 237 -4.19 -18.51 5.09
CA TYR C 237 -5.26 -19.21 4.38
C TYR C 237 -6.51 -19.41 5.23
N TRP C 238 -7.66 -19.06 4.66
CA TRP C 238 -8.98 -19.17 5.27
C TRP C 238 -9.83 -20.08 4.39
N ASP C 239 -10.32 -21.18 4.96
CA ASP C 239 -11.20 -22.09 4.22
C ASP C 239 -12.45 -22.28 5.08
N CYS C 240 -13.50 -21.52 4.77
CA CYS C 240 -14.59 -21.29 5.70
C CYS C 240 -15.87 -21.86 5.10
N ASN C 241 -16.51 -22.75 5.84
CA ASN C 241 -17.80 -23.33 5.48
C ASN C 241 -18.91 -22.56 6.20
N LEU C 242 -19.79 -21.91 5.43
CA LEU C 242 -20.78 -21.05 6.05
C LEU C 242 -22.10 -21.77 6.35
N ASP C 243 -22.17 -23.08 6.12
CA ASP C 243 -23.44 -23.77 6.33
C ASP C 243 -23.74 -23.88 7.83
N GLY C 244 -25.02 -24.08 8.15
CA GLY C 244 -25.41 -24.19 9.55
C GLY C 244 -24.78 -25.39 10.22
N TRP C 245 -24.72 -26.50 9.49
CA TRP C 245 -24.05 -27.71 9.94
C TRP C 245 -22.60 -27.72 9.44
N PHE C 246 -21.71 -28.27 10.26
CA PHE C 246 -20.27 -28.29 9.96
C PHE C 246 -19.76 -26.88 9.66
N HIS C 247 -20.13 -25.93 10.52
CA HIS C 247 -19.71 -24.54 10.36
C HIS C 247 -18.36 -24.34 11.02
N HIS C 248 -17.38 -23.87 10.25
CA HIS C 248 -16.09 -23.51 10.82
C HIS C 248 -15.40 -22.54 9.88
N CYS C 249 -14.75 -21.55 10.45
CA CYS C 249 -14.03 -20.52 9.70
C CYS C 249 -12.74 -20.15 10.44
N ARG C 250 -11.62 -20.80 10.08
CA ARG C 250 -10.42 -20.62 10.88
C ARG C 250 -9.21 -20.48 9.95
N PRO C 251 -8.20 -19.72 10.36
CA PRO C 251 -7.03 -19.50 9.51
C PRO C 251 -5.91 -20.49 9.76
N LYS C 252 -5.04 -20.58 8.76
CA LYS C 252 -3.80 -21.36 8.82
C LYS C 252 -2.66 -20.47 8.36
N TYR C 253 -1.54 -20.56 9.06
CA TYR C 253 -0.39 -19.69 8.87
C TYR C 253 0.74 -20.44 8.18
N SER C 254 1.33 -19.82 7.17
CA SER C 254 2.50 -20.37 6.51
C SER C 254 3.42 -19.22 6.16
N PHE C 255 4.64 -19.54 5.74
CA PHE C 255 5.65 -18.51 5.49
C PHE C 255 6.56 -18.95 4.36
N ARG C 256 7.06 -17.97 3.60
CA ARG C 256 8.04 -18.28 2.56
C ARG C 256 8.76 -17.01 2.12
N ARG C 257 9.84 -17.22 1.40
CA ARG C 257 10.73 -16.17 0.94
C ARG C 257 10.41 -15.81 -0.51
N LEU C 258 9.97 -14.58 -0.72
CA LEU C 258 9.66 -13.98 -2.00
C LEU C 258 10.90 -13.43 -2.68
N ASP C 259 12.01 -13.34 -1.96
CA ASP C 259 13.26 -12.96 -2.63
C ASP C 259 13.86 -14.18 -3.30
N ASP C 260 14.54 -13.92 -4.40
CA ASP C 260 15.14 -14.97 -5.20
C ASP C 260 16.19 -15.77 -4.43
N LYS C 261 16.96 -15.12 -3.56
CA LYS C 261 18.00 -15.82 -2.79
C LYS C 261 19.15 -16.37 -3.63
N THR C 262 19.02 -16.44 -4.96
CA THR C 262 20.10 -16.88 -5.82
C THR C 262 20.92 -15.75 -6.42
N THR C 263 20.32 -14.55 -6.53
CA THR C 263 20.97 -13.33 -7.01
C THR C 263 21.54 -13.49 -8.40
N SER C 264 22.33 -12.51 -8.83
CA SER C 264 22.97 -12.51 -10.14
C SER C 264 24.05 -11.46 -10.14
N GLU C 265 25.03 -11.64 -11.03
CA GLU C 265 26.10 -10.66 -11.16
C GLU C 265 25.56 -9.31 -11.60
N SER C 266 24.69 -9.29 -12.64
CA SER C 266 24.08 -8.02 -13.04
C SER C 266 23.21 -7.47 -11.94
N LEU C 267 22.30 -8.28 -11.38
CA LEU C 267 21.36 -7.74 -10.39
C LEU C 267 22.06 -7.55 -9.03
N TYR C 268 21.28 -7.33 -7.97
CA TYR C 268 21.83 -7.16 -6.62
C TYR C 268 20.90 -7.79 -5.59
N PRO C 269 21.44 -8.58 -4.67
CA PRO C 269 20.60 -9.24 -3.67
C PRO C 269 20.19 -8.28 -2.54
N GLY C 270 19.31 -8.77 -1.67
CA GLY C 270 18.67 -7.97 -0.66
C GLY C 270 17.58 -7.03 -1.18
N TYR C 271 17.02 -6.31 -0.21
CA TYR C 271 16.04 -5.25 -0.45
C TYR C 271 16.55 -3.99 0.27
N ASN C 272 17.15 -3.09 -0.49
CA ASN C 272 17.75 -1.88 0.07
C ASN C 272 17.23 -0.66 -0.66
N PHE C 273 17.23 0.47 0.05
CA PHE C 273 16.82 1.75 -0.51
C PHE C 273 17.51 2.85 0.27
N ARG C 274 17.58 4.03 -0.33
CA ARG C 274 18.17 5.19 0.32
C ARG C 274 17.09 6.15 0.81
N TYR C 275 17.30 6.72 1.99
CA TYR C 275 16.28 7.45 2.72
C TYR C 275 16.87 8.79 3.10
N ALA C 276 16.09 9.84 2.93
CA ALA C 276 16.57 11.21 3.06
C ALA C 276 15.99 11.88 4.31
N LYS C 277 16.79 12.76 4.90
CA LYS C 277 16.45 13.52 6.10
C LYS C 277 17.18 14.84 5.95
N TYR C 278 16.42 15.89 5.62
CA TYR C 278 16.95 17.20 5.31
C TYR C 278 17.00 18.06 6.56
N TYR C 279 17.96 18.99 6.58
CA TYR C 279 18.09 19.94 7.67
C TYR C 279 18.92 21.12 7.15
N LYS C 280 18.39 22.32 7.34
CA LYS C 280 19.09 23.56 7.05
C LYS C 280 19.88 24.03 8.27
N GLU C 281 21.09 24.51 8.02
CA GLU C 281 22.04 24.90 9.06
C GLU C 281 23.06 25.84 8.44
N ASN C 282 23.41 26.90 9.18
CA ASN C 282 24.43 27.84 8.73
C ASN C 282 24.01 28.56 7.46
N ASN C 283 22.69 28.57 7.18
CA ASN C 283 22.12 29.20 5.98
C ASN C 283 22.45 28.37 4.76
N VAL C 284 22.69 27.08 4.98
CA VAL C 284 22.95 26.12 3.93
C VAL C 284 22.02 24.93 4.12
N GLU C 285 21.77 24.22 3.03
CA GLU C 285 20.91 23.05 3.02
C GLU C 285 21.79 21.81 2.94
N LYS C 286 21.43 20.79 3.72
CA LYS C 286 22.25 19.59 3.82
C LYS C 286 21.35 18.47 4.29
N ARG C 287 21.56 17.29 3.73
CA ARG C 287 20.78 16.11 4.05
C ARG C 287 21.63 15.13 4.86
N THR C 288 20.97 14.05 5.27
CA THR C 288 21.54 12.98 6.06
C THR C 288 21.04 11.63 5.53
N LEU C 289 21.10 11.45 4.21
CA LEU C 289 20.59 10.24 3.59
C LEU C 289 21.34 9.03 4.10
N ILE C 290 20.60 7.95 4.31
CA ILE C 290 21.10 6.70 4.83
C ILE C 290 20.78 5.61 3.81
N LYS C 291 21.77 4.78 3.54
CA LYS C 291 21.54 3.51 2.86
C LYS C 291 20.91 2.52 3.85
N VAL C 292 19.81 1.90 3.43
CA VAL C 292 18.92 1.16 4.31
C VAL C 292 18.76 -0.23 3.75
N PHE C 293 19.15 -1.24 4.53
CA PHE C 293 18.84 -2.63 4.26
C PHE C 293 17.81 -3.08 5.29
N GLY C 294 16.68 -3.59 4.81
CA GLY C 294 15.64 -3.99 5.74
C GLY C 294 14.69 -5.01 5.16
N ILE C 295 14.37 -6.05 5.92
CA ILE C 295 13.51 -7.12 5.46
C ILE C 295 12.06 -6.63 5.46
N ARG C 296 11.57 -6.23 4.30
CA ARG C 296 10.16 -5.91 4.12
C ARG C 296 9.34 -7.18 4.20
N PHE C 297 8.32 -7.13 5.03
CA PHE C 297 7.36 -8.22 5.18
C PHE C 297 6.12 -7.95 4.35
N ASP C 298 5.61 -8.97 3.68
CA ASP C 298 4.38 -8.87 2.91
C ASP C 298 3.41 -9.94 3.41
N ILE C 299 2.35 -9.47 4.07
CA ILE C 299 1.28 -10.36 4.52
C ILE C 299 0.37 -10.65 3.34
N LEU C 300 0.15 -11.93 3.07
CA LEU C 300 -0.70 -12.39 1.99
C LEU C 300 -1.81 -13.24 2.58
N VAL C 301 -3.02 -12.72 2.52
CA VAL C 301 -4.21 -13.29 3.12
C VAL C 301 -5.16 -13.68 2.00
N PHE C 302 -5.58 -14.93 1.99
CA PHE C 302 -6.52 -15.36 0.97
C PHE C 302 -7.39 -16.47 1.51
N GLY C 303 -8.58 -16.61 0.90
CA GLY C 303 -9.47 -17.61 1.47
C GLY C 303 -10.69 -17.80 0.60
N THR C 304 -11.41 -18.87 0.89
CA THR C 304 -12.70 -19.12 0.24
C THR C 304 -13.79 -19.39 1.26
N GLY C 305 -15.04 -19.18 0.83
CA GLY C 305 -16.19 -19.46 1.66
C GLY C 305 -17.44 -19.73 0.83
N GLY C 306 -18.11 -20.86 1.08
CA GLY C 306 -19.28 -21.24 0.32
C GLY C 306 -20.53 -21.32 1.18
N LYS C 307 -21.65 -21.54 0.50
CA LYS C 307 -22.95 -21.68 1.14
C LYS C 307 -23.73 -22.78 0.43
N PHE C 308 -25.03 -22.84 0.69
CA PHE C 308 -25.89 -23.85 0.11
C PHE C 308 -26.83 -23.30 -0.97
N ASN C 309 -26.29 -22.52 -1.90
CA ASN C 309 -27.08 -22.06 -3.04
C ASN C 309 -27.54 -23.28 -3.84
N VAL C 310 -28.85 -23.42 -4.00
CA VAL C 310 -29.37 -24.63 -4.62
C VAL C 310 -29.14 -24.67 -6.13
N ILE C 311 -28.82 -23.53 -6.76
CA ILE C 311 -28.68 -23.52 -8.21
C ILE C 311 -27.47 -24.37 -8.63
N GLN C 312 -26.36 -24.22 -7.93
CA GLN C 312 -25.18 -25.03 -8.18
C GLN C 312 -25.46 -26.50 -7.96
N LEU C 313 -26.14 -26.84 -6.85
CA LEU C 313 -26.54 -28.23 -6.63
C LEU C 313 -27.34 -28.77 -7.81
N ALA C 314 -28.32 -28.01 -8.29
CA ALA C 314 -29.12 -28.46 -9.44
C ALA C 314 -28.26 -28.63 -10.68
N VAL C 315 -27.37 -27.69 -10.96
CA VAL C 315 -26.57 -27.81 -12.19
C VAL C 315 -25.65 -29.02 -12.09
N TYR C 316 -25.05 -29.24 -10.91
CA TYR C 316 -24.18 -30.41 -10.83
C TYR C 316 -24.96 -31.70 -10.91
N ILE C 317 -26.11 -31.80 -10.22
CA ILE C 317 -26.88 -33.04 -10.31
C ILE C 317 -27.31 -33.32 -11.76
N GLY C 318 -27.68 -32.28 -12.48
CA GLY C 318 -28.18 -32.50 -13.83
C GLY C 318 -27.05 -32.90 -14.75
N SER C 319 -25.86 -32.35 -14.50
CA SER C 319 -24.68 -32.76 -15.26
C SER C 319 -24.35 -34.22 -15.02
N VAL C 320 -24.41 -34.68 -13.76
CA VAL C 320 -24.00 -36.04 -13.46
C VAL C 320 -25.08 -37.08 -13.74
N ILE C 321 -26.32 -36.65 -13.98
CA ILE C 321 -27.36 -37.61 -14.35
C ILE C 321 -27.03 -38.30 -15.67
N SER C 322 -26.32 -37.61 -16.56
CA SER C 322 -25.97 -38.26 -17.81
C SER C 322 -25.09 -39.47 -17.61
N TYR C 323 -24.30 -39.53 -16.52
CA TYR C 323 -23.52 -40.75 -16.31
C TYR C 323 -24.40 -41.94 -15.93
N PHE C 324 -25.34 -41.73 -15.00
CA PHE C 324 -26.44 -42.68 -14.79
C PHE C 324 -27.07 -43.15 -16.12
N GLY C 325 -27.42 -42.23 -17.02
CA GLY C 325 -27.91 -42.65 -18.33
C GLY C 325 -26.93 -43.50 -19.11
N LEU C 326 -25.67 -43.04 -19.21
CA LEU C 326 -24.68 -43.71 -20.04
C LEU C 326 -24.35 -45.11 -19.53
N ALA C 327 -24.37 -45.31 -18.21
CA ALA C 327 -24.13 -46.64 -17.65
C ALA C 327 -25.14 -47.64 -18.20
N THR C 328 -26.42 -47.26 -18.24
CA THR C 328 -27.43 -48.11 -18.86
C THR C 328 -27.23 -48.18 -20.37
N VAL C 329 -26.71 -47.11 -20.97
CA VAL C 329 -26.46 -47.11 -22.42
C VAL C 329 -25.43 -48.17 -22.78
N PHE C 330 -24.35 -48.26 -22.01
CA PHE C 330 -23.30 -49.23 -22.27
C PHE C 330 -23.53 -50.52 -21.50
C1 NAG D . 17.65 11.62 -22.46
C2 NAG D . 17.55 13.09 -22.77
C3 NAG D . 18.01 13.34 -24.20
C4 NAG D . 19.40 12.77 -24.40
C5 NAG D . 19.46 11.30 -23.98
C6 NAG D . 20.85 10.72 -24.06
C7 NAG D . 15.89 14.83 -22.29
C8 NAG D . 14.42 15.13 -22.13
N2 NAG D . 16.19 13.55 -22.58
O3 NAG D . 17.99 14.73 -24.47
O4 NAG D . 19.77 12.88 -25.77
O5 NAG D . 19.02 11.20 -22.63
O6 NAG D . 21.84 11.71 -23.80
O7 NAG D . 16.74 15.68 -22.17
C1 NAG E . 24.34 -10.01 -22.91
C2 NAG E . 24.78 -11.19 -23.80
C3 NAG E . 26.27 -11.08 -24.14
C4 NAG E . 26.57 -9.70 -24.71
C5 NAG E . 26.07 -8.61 -23.77
C6 NAG E . 26.22 -7.22 -24.34
C7 NAG E . 25.00 -12.91 -22.02
C8 NAG E . 24.58 -14.27 -21.57
N2 NAG E . 24.50 -12.48 -23.18
O3 NAG E . 26.62 -12.09 -25.08
O4 NAG E . 27.97 -9.55 -24.89
O5 NAG E . 24.66 -8.79 -23.54
O6 NAG E . 25.10 -6.39 -24.02
O7 NAG E . 25.77 -12.22 -21.35
OAK 20V F . -6.51 21.88 -2.51
PBK 20V F . -6.32 22.64 -3.80
OAL 20V F . -7.29 23.79 -3.86
OAC 20V F . -4.90 23.17 -3.85
OAX 20V F . -6.58 21.62 -5.08
CAT 20V F . -5.73 21.66 -6.19
CBE 20V F . -5.66 23.08 -6.76
CBC 20V F . -4.48 23.64 -7.05
CAO 20V F . -3.19 22.87 -6.83
OAB 20V F . -2.17 23.48 -6.84
CBA 20V F . -4.40 24.89 -7.54
OAH 20V F . -3.16 25.46 -7.85
CAY 20V F . -5.57 25.61 -7.76
CAA 20V F . -5.53 27.02 -8.32
NAW 20V F . -6.76 25.06 -7.46
CBD 20V F . -6.82 23.81 -6.96
NAV 20V F . -8.11 23.24 -6.66
NAU 20V F . -9.07 23.94 -6.85
CAZ 20V F . -10.40 23.45 -6.62
CAR 20V F . -11.47 24.24 -6.79
CBH 20V F . -12.76 23.70 -6.61
CBG 20V F . -13.79 24.50 -6.77
SBM 20V F . -13.40 26.20 -7.25
OAN 20V F . -12.71 26.24 -8.54
OAG 20V F . -14.70 27.08 -7.28
OAF 20V F . -12.61 26.89 -6.17
CAQ 20V F . -15.17 24.14 -6.62
CBB 20V F . -15.38 22.71 -6.24
NBJ 20V F . -16.68 22.11 -6.03
OAJ 20V F . -17.10 21.06 -6.86
OAI 20V F . -17.37 22.50 -5.18
CAS 20V F . -14.15 22.00 -6.10
CBI 20V F . -12.94 22.46 -6.27
CBF 20V F . -11.84 21.62 -6.09
SBL 20V F . -12.06 19.87 -5.61
OAM 20V F . -13.45 19.47 -5.21
OAE 20V F . -11.72 18.95 -6.77
OAD 20V F . -11.15 19.52 -4.46
CAP 20V F . -10.61 22.18 -6.27
C1 NAG G . -18.90 21.31 11.67
C2 NAG G . -18.80 21.62 13.15
C3 NAG G . -20.11 22.20 13.62
C4 NAG G . -20.49 23.39 12.76
C5 NAG G . -20.47 23.03 11.28
C6 NAG G . -20.71 24.21 10.36
C7 NAG G . -17.85 20.46 15.10
C8 NAG G . -17.58 19.13 15.75
N2 NAG G . -18.45 20.43 13.91
O3 NAG G . -20.02 22.58 14.98
O4 NAG G . -21.78 23.86 13.11
O5 NAG G . -19.18 22.50 10.95
O6 NAG G . -20.23 25.41 10.94
O7 NAG G . -17.52 21.52 15.63
C1 NAG H . -25.11 21.82 -10.12
C2 NAG H . -26.28 21.97 -11.08
C3 NAG H . -26.60 23.44 -11.30
C4 NAG H . -26.79 24.14 -9.96
C5 NAG H . -25.59 23.90 -9.05
C6 NAG H . -25.77 24.47 -7.66
C7 NAG H . -25.01 21.60 -13.18
C8 NAG H . -24.92 20.79 -14.44
N2 NAG H . -26.02 21.31 -12.35
O3 NAG H . -27.77 23.56 -12.09
O4 NAG H . -26.94 25.54 -10.16
O5 NAG H . -25.40 22.49 -8.90
O6 NAG H . -25.23 23.60 -6.68
O7 NAG H . -24.20 22.49 -12.93
OAK 20V I . 3.54 -0.24 22.70
PBK 20V I . 2.52 0.23 23.71
OAL 20V I . 2.85 -0.34 25.06
OAC 20V I . 2.56 1.74 23.79
OAX 20V I . 1.02 -0.27 23.23
CAT 20V I . -0.06 0.62 23.28
CBE 20V I . -0.25 1.13 24.72
CBC 20V I . -0.41 2.44 24.96
CAO 20V I . -0.40 3.43 23.82
OAB 20V I . -0.74 4.54 24.06
CBA 20V I . -0.58 2.89 26.23
OAH 20V I . -0.74 4.26 26.46
CAY 20V I . -0.59 2.00 27.28
CAA 20V I . -0.79 2.48 28.71
NAW 20V I . -0.44 0.68 27.04
CBD 20V I . -0.26 0.23 25.78
NAV 20V I . -0.10 -1.18 25.56
NAU 20V I . -0.10 -1.88 26.54
CAZ 20V I . 0.01 -3.31 26.40
CAR 20V I . 0.04 -4.10 27.50
CBH 20V I . 0.10 -5.49 27.31
CBG 20V I . 0.13 -6.24 28.39
SBM 20V I . 0.10 -5.35 29.97
OAN 20V I . -1.17 -4.55 30.11
OAG 20V I . 0.28 -6.30 31.13
OAF 20V I . 1.33 -4.48 30.13
CAQ 20V I . 0.20 -7.67 28.44
CBB 20V I . 0.23 -8.30 27.08
NBJ 20V I . 0.30 -9.73 26.85
OAJ 20V I . -0.76 -10.37 26.18
OAI 20V I . 1.22 -10.34 27.23
CAS 20V I . 0.18 -7.34 26.02
CBI 20V I . 0.12 -6.04 26.14
CBF 20V I . 0.08 -5.24 25.00
SBL 20V I . 0.11 -5.98 23.33
OAM 20V I . 0.44 -7.44 23.27
OAE 20V I . -1.26 -5.86 22.68
OAD 20V I . 1.09 -5.24 22.44
CAP 20V I . 0.03 -3.89 25.19
C1 NAG J . 17.20 -12.99 22.11
C2 NAG J . 18.72 -12.95 21.99
C3 NAG J . 19.34 -14.09 22.79
C4 NAG J . 18.85 -14.08 24.22
C5 NAG J . 17.32 -14.07 24.25
C6 NAG J . 16.75 -13.94 25.65
C7 NAG J . 20.30 -12.47 20.17
C8 NAG J . 20.57 -12.62 18.71
N2 NAG J . 19.15 -13.00 20.60
O3 NAG J . 20.77 -13.97 22.77
O4 NAG J . 19.33 -15.21 24.93
O5 NAG J . 16.83 -12.96 23.49
O6 NAG J . 17.61 -13.17 26.48
O7 NAG J . 21.07 -11.91 20.92
C1 NAG K . -3.57 -17.63 29.90
C2 NAG K . -4.43 -18.66 30.61
C3 NAG K . -4.25 -18.56 32.13
C4 NAG K . -2.77 -18.63 32.49
C5 NAG K . -1.98 -17.60 31.70
C6 NAG K . -0.49 -17.70 31.92
C7 NAG K . -6.57 -17.43 30.46
C8 NAG K . -8.00 -17.51 30.01
N2 NAG K . -5.84 -18.53 30.25
O3 NAG K . -4.96 -19.61 32.76
O4 NAG K . -2.60 -18.38 33.88
O5 NAG K . -2.19 -17.80 30.29
O6 NAG K . 0.23 -17.47 30.71
O7 NAG K . -6.12 -16.42 30.99
OAK 20V L . 21.88 1.92 -6.94
PBK 20V L . 22.97 1.00 -6.45
OAL 20V L . 24.14 1.05 -7.41
OAC 20V L . 23.43 1.45 -5.09
OAX 20V L . 22.39 -0.54 -6.38
CAT 20V L . 22.71 -1.36 -5.28
CBE 20V L . 24.23 -1.47 -5.14
CBC 20V L . 24.82 -1.28 -3.95
CAO 20V L . 23.99 -0.94 -2.72
OAB 20V L . 24.55 -0.66 -1.73
CBA 20V L . 26.16 -1.38 -3.82
OAH 20V L . 26.76 -1.17 -2.57
CAY 20V L . 26.94 -1.69 -4.92
CAA 20V L . 28.45 -1.81 -4.82
NAW 20V L . 26.34 -1.88 -6.12
CBD 20V L . 25.01 -1.78 -6.24
NAV 20V L . 24.41 -2.00 -7.53
NAU 20V L . 25.16 -2.23 -8.44
CAZ 20V L . 24.61 -2.50 -9.75
CAR 20V L . 25.47 -2.76 -10.78
CBH 20V L . 24.96 -3.05 -12.04
CBG 20V L . 25.82 -3.27 -13.02
SBM 20V L . 27.57 -3.17 -12.58
OAN 20V L . 27.92 -4.22 -11.55
OAG 20V L . 28.44 -3.32 -13.81
OAF 20V L . 27.93 -1.77 -12.15
CAQ 20V L . 25.48 -3.59 -14.38
CBB 20V L . 24.00 -3.65 -14.63
NBJ 20V L . 23.41 -3.95 -15.92
OAJ 20V L . 22.62 -5.11 -16.08
OAI 20V L . 23.59 -3.24 -16.83
CAS 20V L . 23.23 -3.38 -13.46
CBI 20V L . 23.68 -3.10 -12.24
CBF 20V L . 22.79 -2.85 -11.18
SBL 20V L . 20.98 -2.91 -11.42
OAM 20V L . 20.55 -2.94 -12.87
OAE 20V L . 20.41 -4.11 -10.69
OAD 20V L . 20.32 -1.75 -10.72
CAP 20V L . 23.28 -2.57 -9.95
#